data_3J9J
#
_entry.id   3J9J
#
_cell.length_a   1
_cell.length_b   1
_cell.length_c   1
_cell.angle_alpha   90
_cell.angle_beta   90
_cell.angle_gamma   90
#
_symmetry.space_group_name_H-M   'P 1'
#
_entity_poly.entity_id   1
_entity_poly.type   'polypeptide(L)'
_entity_poly.pdbx_seq_one_letter_code
;LYDRRSIFDAVAQSNCQELESLLPFLQRSKKRLTDSEFKDPETGKTCLLKAMLNLHNGQNDTIALLLDVARKTDSLKQFV
NASYTDSYYKGQTALHIAIERRNMTLVTLLVENGADVQAAANGDFFKKTKGRPGFYFGELPLSLAACTNQLAIVKFLLQN
SWQPADISARDSVGNTVLHALVEVADNTVDNTKFVTSMYNEILILGAKLHPTLKLEEITNRKGLTPLALAASSGKIGVLA
YILQREIHEPECRHLSRKFTEWAYGPVHSSLYDLSCIDTCEKNSVLEVIAYSSSETPNRHDMLLVEPLNRLLQDKWDRFV
KRIFYFNFFVYCLYMIIFTAAAYYRPVEGLPPYKLKNTVGDYFRVTGEILSVSGGVYFFFRGIQYFLQRRPSLKSLFVDS
YSEILFFVQSLFMLVSVVLYFSQRKEYVASMVFSLAMGWTNMLYYTRGFQQMGIYAVMIEKMILRDLCRFMFVYLVFLFG
FSTAVVTLIEDGKYNSLYSTCLELFKFTIGMGDLEFTENYDFKAVFIILLLAYVILTYILLLQMLIALMGETVNKIAQES
KNIWKLQRAITILDTEKSFLKCMRKA
;
_entity_poly.pdbx_strand_id   A,B,C,D
#
# COMPACT_ATOMS: atom_id res chain seq x y z
N LEU A 271 23.63 -36.72 -28.66
CA LEU A 271 24.18 -35.44 -29.08
C LEU A 271 23.47 -34.91 -30.30
N TYR A 272 23.03 -33.67 -30.21
CA TYR A 272 22.36 -33.01 -31.31
C TYR A 272 23.36 -32.43 -32.28
N ASP A 273 22.96 -32.31 -33.54
CA ASP A 273 23.85 -31.76 -34.55
C ASP A 273 23.93 -30.25 -34.42
N LEU A 274 24.80 -29.81 -33.51
CA LEU A 274 24.97 -28.41 -33.16
C LEU A 274 25.44 -27.53 -34.32
N SER A 275 26.03 -28.15 -35.35
CA SER A 275 26.55 -27.39 -36.49
C SER A 275 25.42 -26.69 -37.23
N CYS A 276 24.20 -27.20 -37.11
CA CYS A 276 23.05 -26.59 -37.74
C CYS A 276 22.82 -25.22 -37.14
N ILE A 277 22.92 -25.14 -35.83
CA ILE A 277 22.75 -23.89 -35.13
C ILE A 277 23.79 -22.90 -35.56
N ASP A 278 25.01 -23.39 -35.73
CA ASP A 278 26.12 -22.54 -36.13
C ASP A 278 26.22 -22.28 -37.64
N THR A 279 25.13 -22.49 -38.41
CA THR A 279 25.14 -22.15 -39.84
C THR A 279 24.99 -20.62 -40.05
N CYS A 280 25.96 -19.87 -39.52
CA CYS A 280 25.98 -18.42 -39.53
C CYS A 280 26.24 -17.86 -40.90
N GLU A 281 26.70 -18.70 -41.82
CA GLU A 281 26.92 -18.31 -43.19
C GLU A 281 25.63 -17.73 -43.78
N LYS A 282 24.49 -18.18 -43.27
CA LYS A 282 23.22 -17.59 -43.63
C LYS A 282 22.73 -16.78 -42.44
N ASN A 283 22.63 -17.46 -41.30
CA ASN A 283 22.13 -16.88 -40.05
C ASN A 283 22.03 -17.96 -38.99
N SER A 284 22.78 -17.83 -37.90
CA SER A 284 22.72 -18.85 -36.85
C SER A 284 21.36 -18.93 -36.28
N VAL A 285 20.96 -20.13 -35.91
CA VAL A 285 19.66 -20.32 -35.30
C VAL A 285 19.47 -19.42 -34.11
N LEU A 286 20.53 -19.26 -33.33
CA LEU A 286 20.46 -18.44 -32.16
C LEU A 286 20.35 -16.99 -32.53
N GLU A 287 21.04 -16.60 -33.59
CA GLU A 287 20.98 -15.23 -34.08
C GLU A 287 19.59 -14.91 -34.57
N VAL A 288 18.97 -15.87 -35.25
CA VAL A 288 17.61 -15.69 -35.73
C VAL A 288 16.72 -15.29 -34.58
N ILE A 289 16.85 -16.01 -33.48
CA ILE A 289 16.06 -15.75 -32.31
C ILE A 289 16.44 -14.42 -31.66
N ALA A 290 17.73 -14.23 -31.44
CA ALA A 290 18.25 -13.06 -30.74
C ALA A 290 17.84 -11.77 -31.38
N TYR A 291 17.87 -11.72 -32.70
CA TYR A 291 17.57 -10.51 -33.40
C TYR A 291 16.17 -10.55 -33.99
N SER A 292 15.33 -11.43 -33.44
CA SER A 292 13.98 -11.57 -33.94
C SER A 292 13.16 -10.34 -33.64
N SER A 293 12.34 -9.96 -34.61
CA SER A 293 11.43 -8.85 -34.47
C SER A 293 10.51 -9.07 -33.30
N SER A 294 10.16 -7.97 -32.64
CA SER A 294 9.22 -8.01 -31.52
C SER A 294 7.87 -8.61 -31.93
N GLU A 295 7.58 -8.55 -33.23
CA GLU A 295 6.35 -9.06 -33.78
C GLU A 295 6.26 -10.59 -33.75
N THR A 296 7.42 -11.26 -33.70
CA THR A 296 7.46 -12.73 -33.74
C THR A 296 6.69 -13.33 -32.54
N PRO A 297 5.73 -14.24 -32.80
CA PRO A 297 4.89 -14.86 -31.80
C PRO A 297 5.68 -15.71 -30.83
N ASN A 298 6.65 -16.43 -31.35
CA ASN A 298 7.45 -17.32 -30.55
C ASN A 298 8.79 -16.70 -30.19
N ARG A 299 8.90 -15.38 -30.31
CA ARG A 299 10.16 -14.68 -30.06
C ARG A 299 10.89 -15.20 -28.83
N HIS A 300 10.12 -15.50 -27.79
CA HIS A 300 10.68 -15.97 -26.55
C HIS A 300 10.57 -17.49 -26.46
N ASP A 301 9.45 -18.02 -26.95
CA ASP A 301 9.14 -19.45 -26.86
C ASP A 301 10.10 -20.33 -27.62
N MET A 302 10.74 -19.80 -28.65
CA MET A 302 11.71 -20.55 -29.43
C MET A 302 12.83 -21.13 -28.57
N LEU A 303 13.16 -20.46 -27.47
CA LEU A 303 14.25 -20.93 -26.61
C LEU A 303 13.82 -21.99 -25.63
N LEU A 304 12.61 -22.53 -25.80
CA LEU A 304 12.17 -23.60 -24.97
C LEU A 304 12.71 -24.94 -25.50
N VAL A 305 13.34 -24.90 -26.68
CA VAL A 305 13.94 -26.09 -27.26
C VAL A 305 15.09 -26.60 -26.41
N GLU A 306 15.04 -27.88 -26.07
CA GLU A 306 16.04 -28.52 -25.21
C GLU A 306 17.46 -28.45 -25.76
N PRO A 307 17.65 -28.56 -27.07
CA PRO A 307 18.95 -28.42 -27.66
C PRO A 307 19.51 -27.04 -27.48
N LEU A 308 18.65 -26.04 -27.59
CA LEU A 308 19.10 -24.68 -27.47
C LEU A 308 19.46 -24.37 -26.04
N ASN A 309 18.67 -24.89 -25.12
CA ASN A 309 18.90 -24.65 -23.71
C ASN A 309 20.12 -25.35 -23.23
N ARG A 310 20.29 -26.60 -23.66
CA ARG A 310 21.49 -27.35 -23.36
C ARG A 310 22.70 -26.58 -23.77
N LEU A 311 22.69 -26.12 -25.00
CA LEU A 311 23.79 -25.40 -25.56
C LEU A 311 24.09 -24.10 -24.83
N LEU A 312 23.06 -23.29 -24.65
CA LEU A 312 23.23 -21.99 -24.04
C LEU A 312 23.69 -22.07 -22.62
N GLN A 313 23.14 -23.01 -21.86
CA GLN A 313 23.52 -23.18 -20.48
C GLN A 313 24.96 -23.61 -20.40
N ASP A 314 25.36 -24.48 -21.33
CA ASP A 314 26.73 -24.92 -21.40
C ASP A 314 27.65 -23.75 -21.57
N LYS A 315 27.32 -22.89 -22.53
CA LYS A 315 28.14 -21.73 -22.83
C LYS A 315 28.29 -20.83 -21.63
N TRP A 316 27.16 -20.58 -20.97
CA TRP A 316 27.09 -19.72 -19.83
C TRP A 316 28.03 -20.17 -18.75
N ASP A 317 27.88 -21.42 -18.36
CA ASP A 317 28.70 -21.97 -17.30
C ASP A 317 30.12 -22.16 -17.71
N ARG A 318 30.34 -22.58 -18.94
CA ARG A 318 31.66 -22.88 -19.42
C ARG A 318 32.58 -21.70 -19.37
N PHE A 319 32.09 -20.51 -19.74
CA PHE A 319 32.98 -19.36 -19.70
C PHE A 319 32.29 -18.01 -19.75
N VAL A 320 31.12 -17.95 -20.38
CA VAL A 320 30.50 -16.65 -20.63
C VAL A 320 30.24 -15.90 -19.36
N LYS A 321 29.72 -16.57 -18.35
CA LYS A 321 29.40 -15.90 -17.10
C LYS A 321 30.60 -15.31 -16.43
N ARG A 322 31.78 -15.85 -16.72
CA ARG A 322 32.99 -15.34 -16.13
C ARG A 322 33.32 -14.03 -16.77
N ILE A 323 33.24 -14.01 -18.09
CA ILE A 323 33.48 -12.81 -18.84
C ILE A 323 32.48 -11.75 -18.46
N PHE A 324 31.24 -12.18 -18.32
CA PHE A 324 30.15 -11.32 -17.96
C PHE A 324 30.39 -10.66 -16.61
N TYR A 325 30.77 -11.47 -15.62
CA TYR A 325 31.02 -10.96 -14.30
C TYR A 325 32.13 -9.96 -14.32
N PHE A 326 33.15 -10.23 -15.14
CA PHE A 326 34.25 -9.32 -15.31
C PHE A 326 33.78 -7.99 -15.84
N ASN A 327 32.97 -8.02 -16.89
CA ASN A 327 32.48 -6.80 -17.49
C ASN A 327 31.69 -6.00 -16.50
N PHE A 328 30.87 -6.68 -15.71
CA PHE A 328 30.12 -6.05 -14.67
C PHE A 328 31.01 -5.37 -13.68
N PHE A 329 32.02 -6.09 -13.25
CA PHE A 329 32.97 -5.57 -12.30
C PHE A 329 33.61 -4.30 -12.81
N VAL A 330 34.02 -4.33 -14.06
CA VAL A 330 34.61 -3.16 -14.66
C VAL A 330 33.64 -2.00 -14.65
N TYR A 331 32.40 -2.27 -14.99
CA TYR A 331 31.41 -1.22 -15.05
C TYR A 331 31.17 -0.60 -13.70
N CYS A 332 31.08 -1.42 -12.66
CA CYS A 332 30.81 -0.85 -11.36
C CYS A 332 31.99 -0.02 -10.88
N LEU A 333 33.19 -0.36 -11.35
CA LEU A 333 34.35 0.44 -11.05
C LEU A 333 34.22 1.77 -11.73
N TYR A 334 33.81 1.73 -12.99
CA TYR A 334 33.59 2.93 -13.75
C TYR A 334 32.68 3.88 -13.01
N MET A 335 31.59 3.34 -12.48
CA MET A 335 30.61 4.16 -11.84
C MET A 335 31.13 4.82 -10.59
N ILE A 336 31.89 4.11 -9.77
CA ILE A 336 32.39 4.71 -8.55
C ILE A 336 33.50 5.71 -8.83
N ILE A 337 34.21 5.52 -9.93
CA ILE A 337 35.22 6.46 -10.34
C ILE A 337 34.57 7.74 -10.75
N PHE A 338 33.55 7.62 -11.56
CA PHE A 338 32.79 8.74 -12.04
C PHE A 338 32.15 9.48 -10.89
N THR A 339 31.58 8.71 -9.98
CA THR A 339 30.94 9.26 -8.82
C THR A 339 31.89 10.14 -8.04
N ALA A 340 33.07 9.62 -7.74
CA ALA A 340 34.06 10.34 -6.98
C ALA A 340 34.46 11.62 -7.68
N ALA A 341 34.67 11.54 -8.99
CA ALA A 341 35.06 12.70 -9.77
C ALA A 341 34.08 13.82 -9.59
N ALA A 342 32.80 13.49 -9.67
CA ALA A 342 31.76 14.48 -9.49
C ALA A 342 31.72 14.97 -8.05
N TYR A 343 31.83 14.05 -7.10
CA TYR A 343 31.73 14.37 -5.69
C TYR A 343 32.75 15.42 -5.28
N TYR A 344 33.97 15.29 -5.78
CA TYR A 344 35.03 16.22 -5.44
C TYR A 344 35.29 17.23 -6.54
N ARG A 345 34.28 17.54 -7.33
CA ARG A 345 34.44 18.46 -8.43
C ARG A 345 34.38 19.93 -7.96
N PRO A 346 35.48 20.70 -8.18
CA PRO A 346 35.60 22.09 -7.84
C PRO A 346 34.71 22.94 -8.70
N VAL A 347 33.43 22.95 -8.37
CA VAL A 347 32.45 23.71 -9.13
C VAL A 347 32.64 25.23 -9.00
N GLU A 348 33.46 25.67 -8.05
CA GLU A 348 33.74 27.08 -7.85
C GLU A 348 34.36 27.72 -9.08
N GLY A 349 33.63 28.67 -9.68
CA GLY A 349 34.12 29.38 -10.86
C GLY A 349 33.50 28.83 -12.14
N LEU A 350 34.22 28.95 -13.24
CA LEU A 350 33.76 28.43 -14.51
C LEU A 350 34.80 27.50 -15.11
N PRO A 351 34.36 26.46 -15.80
CA PRO A 351 35.15 25.46 -16.44
C PRO A 351 35.76 26.00 -17.71
N PRO A 352 36.83 25.37 -18.18
CA PRO A 352 37.56 24.31 -17.60
C PRO A 352 38.35 24.81 -16.41
N TYR A 353 38.59 23.92 -15.47
CA TYR A 353 39.28 24.31 -14.25
C TYR A 353 40.75 23.93 -14.33
N LYS A 354 41.59 24.74 -13.70
CA LYS A 354 43.03 24.50 -13.74
C LYS A 354 43.47 23.66 -12.56
N LEU A 355 44.13 22.56 -12.87
CA LEU A 355 44.64 21.67 -11.86
C LEU A 355 45.79 22.30 -11.12
N LYS A 356 45.90 21.99 -9.84
CA LYS A 356 47.02 22.44 -9.05
C LYS A 356 47.88 21.26 -8.72
N ASN A 357 49.07 21.50 -8.22
CA ASN A 357 50.00 20.42 -7.92
C ASN A 357 49.66 19.69 -6.63
N THR A 358 48.55 18.96 -6.63
CA THR A 358 48.16 18.17 -5.48
C THR A 358 47.73 16.79 -5.91
N VAL A 359 47.77 15.86 -4.98
CA VAL A 359 47.37 14.50 -5.23
C VAL A 359 45.89 14.41 -5.55
N GLY A 360 45.09 15.18 -4.82
CA GLY A 360 43.65 15.21 -5.02
C GLY A 360 43.30 15.67 -6.43
N ASP A 361 44.00 16.71 -6.91
CA ASP A 361 43.77 17.23 -8.25
C ASP A 361 44.12 16.18 -9.27
N TYR A 362 45.25 15.51 -9.06
CA TYR A 362 45.67 14.44 -9.92
C TYR A 362 44.61 13.35 -9.99
N PHE A 363 44.12 12.93 -8.84
CA PHE A 363 43.11 11.90 -8.79
C PHE A 363 41.83 12.32 -9.46
N ARG A 364 41.46 13.58 -9.29
CA ARG A 364 40.24 14.08 -9.87
C ARG A 364 40.27 13.99 -11.36
N VAL A 365 41.29 14.59 -11.97
CA VAL A 365 41.38 14.60 -13.40
C VAL A 365 41.57 13.22 -13.95
N THR A 366 42.20 12.33 -13.17
CA THR A 366 42.36 10.97 -13.59
C THR A 366 41.00 10.34 -13.77
N GLY A 367 40.17 10.47 -12.74
CA GLY A 367 38.84 9.93 -12.78
C GLY A 367 37.99 10.59 -13.84
N GLU A 368 38.17 11.90 -14.01
CA GLU A 368 37.44 12.67 -14.99
C GLU A 368 37.68 12.13 -16.38
N ILE A 369 38.95 11.94 -16.71
CA ILE A 369 39.34 11.40 -17.99
C ILE A 369 38.77 10.03 -18.19
N LEU A 370 38.88 9.20 -17.17
CA LEU A 370 38.37 7.84 -17.23
C LEU A 370 36.88 7.83 -17.44
N SER A 371 36.19 8.77 -16.80
CA SER A 371 34.76 8.88 -16.91
C SER A 371 34.36 9.16 -18.33
N VAL A 372 35.05 10.10 -18.94
CA VAL A 372 34.78 10.47 -20.31
C VAL A 372 35.08 9.32 -21.23
N SER A 373 36.20 8.65 -20.98
CA SER A 373 36.63 7.53 -21.79
C SER A 373 35.58 6.45 -21.86
N GLY A 374 35.08 6.05 -20.69
CA GLY A 374 34.06 5.02 -20.62
C GLY A 374 32.80 5.47 -21.31
N GLY A 375 32.48 6.76 -21.18
CA GLY A 375 31.34 7.32 -21.87
C GLY A 375 31.48 7.11 -23.37
N VAL A 376 32.64 7.51 -23.90
CA VAL A 376 32.92 7.35 -25.32
C VAL A 376 32.82 5.90 -25.74
N TYR A 377 33.32 5.02 -24.90
CA TYR A 377 33.25 3.59 -25.15
C TYR A 377 31.83 3.15 -25.39
N PHE A 378 30.93 3.49 -24.47
CA PHE A 378 29.54 3.09 -24.61
C PHE A 378 28.88 3.79 -25.76
N PHE A 379 29.25 5.04 -25.98
CA PHE A 379 28.72 5.81 -27.08
C PHE A 379 29.02 5.13 -28.37
N PHE A 380 30.28 4.80 -28.56
CA PHE A 380 30.74 4.19 -29.77
C PHE A 380 30.07 2.86 -30.00
N ARG A 381 29.92 2.07 -28.93
CA ARG A 381 29.22 0.80 -29.07
C ARG A 381 27.81 1.01 -29.52
N GLY A 382 27.15 2.03 -28.99
CA GLY A 382 25.80 2.35 -29.41
C GLY A 382 25.80 2.68 -30.88
N ILE A 383 26.81 3.43 -31.33
CA ILE A 383 26.96 3.77 -32.72
C ILE A 383 27.14 2.53 -33.57
N GLN A 384 27.92 1.58 -33.07
CA GLN A 384 28.14 0.32 -33.77
C GLN A 384 26.84 -0.39 -33.97
N TYR A 385 26.00 -0.38 -32.95
CA TYR A 385 24.73 -1.02 -33.03
C TYR A 385 23.87 -0.32 -34.04
N PHE A 386 23.98 0.99 -34.11
CA PHE A 386 23.24 1.75 -35.10
C PHE A 386 23.75 1.47 -36.50
N LEU A 387 25.04 1.21 -36.62
CA LEU A 387 25.61 0.85 -37.91
C LEU A 387 25.05 -0.48 -38.38
N GLN A 388 24.79 -1.36 -37.42
CA GLN A 388 24.17 -2.65 -37.70
C GLN A 388 22.67 -2.51 -37.65
N ARG A 389 22.13 -2.57 -36.44
CA ARG A 389 20.72 -2.43 -36.22
C ARG A 389 20.38 -0.96 -36.19
N ARG A 390 20.13 -0.40 -37.37
CA ARG A 390 19.82 1.02 -37.52
C ARG A 390 18.81 1.50 -36.49
N PRO A 391 18.93 2.76 -36.03
CA PRO A 391 18.14 3.40 -35.01
C PRO A 391 16.65 3.48 -35.41
N SER A 392 16.40 3.47 -36.71
CA SER A 392 15.03 3.42 -37.22
C SER A 392 14.38 2.08 -36.86
N LEU A 393 15.22 1.07 -36.64
CA LEU A 393 14.77 -0.24 -36.25
C LEU A 393 14.74 -0.31 -34.74
N LYS A 394 15.78 0.24 -34.12
CA LYS A 394 15.97 0.20 -32.66
C LYS A 394 14.80 0.83 -31.93
N SER A 395 14.26 1.91 -32.50
CA SER A 395 13.11 2.60 -31.92
C SER A 395 11.86 1.71 -31.87
N LEU A 396 11.85 0.64 -32.66
CA LEU A 396 10.73 -0.26 -32.73
C LEU A 396 10.87 -1.39 -31.70
N PHE A 397 12.04 -1.48 -31.06
CA PHE A 397 12.28 -2.51 -30.06
C PHE A 397 12.34 -1.96 -28.69
N VAL A 398 11.19 -1.91 -28.03
CA VAL A 398 11.19 -1.49 -26.63
C VAL A 398 11.62 -2.67 -25.77
N ASP A 399 12.92 -2.93 -25.84
CA ASP A 399 13.60 -4.05 -25.22
C ASP A 399 15.08 -3.82 -25.45
N SER A 400 15.39 -3.32 -26.66
CA SER A 400 16.73 -2.94 -27.04
C SER A 400 17.13 -1.66 -26.33
N TYR A 401 16.14 -1.02 -25.68
CA TYR A 401 16.37 0.16 -24.90
C TYR A 401 17.46 -0.07 -23.86
N SER A 402 17.63 -1.34 -23.44
CA SER A 402 18.66 -1.67 -22.47
C SER A 402 20.05 -1.26 -22.98
N GLU A 403 20.21 -1.21 -24.31
CA GLU A 403 21.44 -0.74 -24.91
C GLU A 403 21.38 0.76 -25.06
N ILE A 404 20.23 1.24 -25.52
CA ILE A 404 20.03 2.67 -25.76
C ILE A 404 20.33 3.49 -24.54
N LEU A 405 19.97 2.99 -23.38
CA LEU A 405 20.20 3.70 -22.15
C LEU A 405 21.66 4.01 -21.94
N PHE A 406 22.54 3.11 -22.37
CA PHE A 406 23.96 3.35 -22.22
C PHE A 406 24.38 4.43 -23.17
N PHE A 407 23.75 4.43 -24.33
CA PHE A 407 24.03 5.44 -25.32
C PHE A 407 23.62 6.80 -24.80
N VAL A 408 22.45 6.88 -24.20
CA VAL A 408 21.95 8.10 -23.63
C VAL A 408 22.82 8.58 -22.48
N GLN A 409 23.23 7.64 -21.66
CA GLN A 409 24.14 7.92 -20.57
C GLN A 409 25.39 8.61 -21.09
N SER A 410 25.99 8.01 -22.11
CA SER A 410 27.19 8.55 -22.71
C SER A 410 26.93 9.85 -23.38
N LEU A 411 25.73 10.02 -23.91
CA LEU A 411 25.36 11.24 -24.55
C LEU A 411 25.47 12.38 -23.57
N PHE A 412 24.90 12.19 -22.38
CA PHE A 412 24.95 13.21 -21.35
C PHE A 412 26.38 13.53 -20.97
N MET A 413 27.22 12.50 -20.95
CA MET A 413 28.62 12.69 -20.66
C MET A 413 29.25 13.62 -21.67
N LEU A 414 29.02 13.32 -22.93
CA LEU A 414 29.61 14.08 -24.01
C LEU A 414 29.14 15.52 -24.00
N VAL A 415 27.87 15.72 -23.68
CA VAL A 415 27.33 17.05 -23.60
C VAL A 415 28.02 17.85 -22.53
N SER A 416 28.25 17.22 -21.37
CA SER A 416 28.92 17.91 -20.28
C SER A 416 30.34 18.26 -20.67
N VAL A 417 30.97 17.43 -21.46
CA VAL A 417 32.32 17.72 -21.93
C VAL A 417 32.32 19.00 -22.73
N VAL A 418 31.36 19.12 -23.64
CA VAL A 418 31.24 20.30 -24.47
C VAL A 418 31.03 21.54 -23.63
N LEU A 419 30.05 21.48 -22.74
CA LEU A 419 29.71 22.61 -21.91
C LEU A 419 30.86 22.98 -21.00
N TYR A 420 31.57 21.98 -20.51
CA TYR A 420 32.73 22.19 -19.68
C TYR A 420 33.74 23.07 -20.39
N PHE A 421 34.07 22.68 -21.62
CA PHE A 421 35.03 23.44 -22.38
C PHE A 421 34.43 24.68 -23.01
N SER A 422 33.12 24.81 -22.96
CA SER A 422 32.44 25.99 -23.43
C SER A 422 32.27 27.03 -22.33
N GLN A 423 32.85 26.78 -21.15
CA GLN A 423 32.75 27.70 -20.02
C GLN A 423 31.33 27.81 -19.52
N ARG A 424 30.59 26.72 -19.65
CA ARG A 424 29.21 26.69 -19.24
C ARG A 424 29.04 25.74 -18.08
N LYS A 425 28.90 26.30 -16.87
CA LYS A 425 28.72 25.50 -15.64
C LYS A 425 27.55 24.53 -15.72
N GLU A 426 26.63 24.76 -16.68
CA GLU A 426 25.50 23.88 -16.96
C GLU A 426 25.93 22.44 -17.17
N TYR A 427 27.20 22.23 -17.55
CA TYR A 427 27.75 20.91 -17.74
C TYR A 427 27.52 20.02 -16.55
N VAL A 428 27.44 20.61 -15.36
CA VAL A 428 27.22 19.88 -14.16
C VAL A 428 25.93 19.13 -14.24
N ALA A 429 24.89 19.80 -14.71
CA ALA A 429 23.59 19.21 -14.80
C ALA A 429 23.60 18.02 -15.72
N SER A 430 24.20 18.19 -16.88
CA SER A 430 24.28 17.10 -17.85
C SER A 430 25.02 15.94 -17.26
N MET A 431 26.17 16.23 -16.66
CA MET A 431 26.98 15.24 -16.00
C MET A 431 26.19 14.46 -14.98
N VAL A 432 25.45 15.18 -14.14
CA VAL A 432 24.61 14.57 -13.14
C VAL A 432 23.63 13.59 -13.73
N PHE A 433 23.03 13.95 -14.86
CA PHE A 433 22.10 13.05 -15.49
C PHE A 433 22.80 11.81 -15.95
N SER A 434 24.03 11.96 -16.47
CA SER A 434 24.81 10.81 -16.89
C SER A 434 25.05 9.90 -15.71
N LEU A 435 25.41 10.49 -14.60
CA LEU A 435 25.71 9.77 -13.37
C LEU A 435 24.53 8.92 -12.96
N ALA A 436 23.36 9.56 -12.86
CA ALA A 436 22.15 8.88 -12.46
C ALA A 436 21.83 7.75 -13.43
N MET A 437 21.98 8.03 -14.72
CA MET A 437 21.72 7.04 -15.75
C MET A 437 22.54 5.81 -15.52
N GLY A 438 23.81 5.99 -15.18
CA GLY A 438 24.70 4.88 -14.95
C GLY A 438 24.25 4.02 -13.81
N TRP A 439 23.84 4.65 -12.72
CA TRP A 439 23.40 3.91 -11.57
C TRP A 439 22.14 3.14 -11.87
N THR A 440 21.30 3.70 -12.73
CA THR A 440 20.15 2.98 -13.18
C THR A 440 20.58 1.80 -14.03
N ASN A 441 21.54 2.06 -14.91
CA ASN A 441 22.04 1.07 -15.85
C ASN A 441 22.75 -0.07 -15.18
N MET A 442 23.12 0.09 -13.91
CA MET A 442 23.68 -1.02 -13.13
C MET A 442 22.80 -2.25 -13.20
N LEU A 443 21.48 -2.04 -13.32
CA LEU A 443 20.53 -3.13 -13.32
C LEU A 443 20.66 -4.00 -14.55
N TYR A 444 21.31 -3.49 -15.58
CA TYR A 444 21.56 -4.25 -16.77
C TYR A 444 22.19 -5.58 -16.44
N TYR A 445 23.10 -5.58 -15.47
CA TYR A 445 23.90 -6.75 -15.20
C TYR A 445 23.20 -7.77 -14.31
N THR A 446 21.97 -7.47 -13.91
CA THR A 446 21.20 -8.41 -13.13
C THR A 446 20.80 -9.58 -13.99
N ARG A 447 20.87 -9.40 -15.31
CA ARG A 447 20.57 -10.43 -16.28
C ARG A 447 21.42 -11.68 -16.13
N GLY A 448 22.52 -11.60 -15.38
CA GLY A 448 23.37 -12.76 -15.17
C GLY A 448 22.86 -13.67 -14.05
N PHE A 449 21.75 -13.30 -13.40
CA PHE A 449 21.24 -14.08 -12.30
C PHE A 449 19.79 -14.44 -12.51
N GLN A 450 19.49 -15.73 -12.39
CA GLN A 450 18.13 -16.21 -12.59
C GLN A 450 17.27 -15.92 -11.40
N GLN A 451 16.96 -14.65 -11.22
CA GLN A 451 16.16 -14.16 -10.11
C GLN A 451 16.25 -12.67 -10.04
N MET A 452 17.47 -12.15 -10.17
CA MET A 452 17.67 -10.72 -10.15
C MET A 452 17.31 -10.17 -11.48
N GLY A 453 17.74 -10.85 -12.54
CA GLY A 453 17.42 -10.44 -13.87
C GLY A 453 15.95 -10.61 -14.11
N ILE A 454 15.38 -11.68 -13.57
CA ILE A 454 13.97 -11.93 -13.69
C ILE A 454 13.20 -10.81 -13.05
N TYR A 455 13.65 -10.42 -11.87
CA TYR A 455 13.08 -9.32 -11.15
C TYR A 455 13.14 -8.05 -11.97
N ALA A 456 14.27 -7.81 -12.59
CA ALA A 456 14.44 -6.65 -13.44
C ALA A 456 13.45 -6.68 -14.59
N VAL A 457 13.22 -7.86 -15.16
CA VAL A 457 12.25 -8.00 -16.21
C VAL A 457 10.87 -7.63 -15.72
N MET A 458 10.54 -8.07 -14.51
CA MET A 458 9.26 -7.73 -13.95
C MET A 458 9.14 -6.24 -13.85
N ILE A 459 10.22 -5.59 -13.45
CA ILE A 459 10.24 -4.17 -13.30
C ILE A 459 9.98 -3.45 -14.61
N GLU A 460 10.77 -3.76 -15.62
CA GLU A 460 10.65 -3.04 -16.88
C GLU A 460 9.31 -3.22 -17.53
N LYS A 461 8.66 -4.34 -17.29
CA LYS A 461 7.38 -4.58 -17.91
C LYS A 461 6.31 -3.81 -17.22
N MET A 462 6.39 -3.75 -15.92
CA MET A 462 5.42 -3.03 -15.15
C MET A 462 5.51 -1.55 -15.42
N ILE A 463 6.74 -1.07 -15.66
CA ILE A 463 6.95 0.30 -16.06
C ILE A 463 6.31 0.61 -17.38
N LEU A 464 6.65 -0.20 -18.37
CA LEU A 464 6.17 0.00 -19.72
C LEU A 464 4.68 -0.17 -19.81
N ARG A 465 4.10 -0.90 -18.89
CA ARG A 465 2.69 -1.12 -18.89
C ARG A 465 1.99 -0.25 -17.85
N ASP A 466 1.91 -0.75 -16.63
CA ASP A 466 1.12 -0.15 -15.58
C ASP A 466 1.55 1.24 -15.19
N LEU A 467 2.84 1.47 -15.07
CA LEU A 467 3.30 2.75 -14.57
C LEU A 467 2.93 3.87 -15.50
N CYS A 468 3.27 3.72 -16.77
CA CYS A 468 2.96 4.76 -17.72
C CYS A 468 1.46 4.89 -17.93
N ARG A 469 0.73 3.78 -17.78
CA ARG A 469 -0.71 3.79 -17.85
C ARG A 469 -1.26 4.66 -16.75
N PHE A 470 -0.76 4.46 -15.57
CA PHE A 470 -1.13 5.23 -14.42
C PHE A 470 -0.83 6.69 -14.60
N MET A 471 0.41 6.99 -14.98
CA MET A 471 0.86 8.37 -15.11
C MET A 471 0.03 9.13 -16.08
N PHE A 472 -0.38 8.48 -17.15
CA PHE A 472 -1.21 9.11 -18.14
C PHE A 472 -2.43 9.77 -17.53
N VAL A 473 -3.01 9.14 -16.52
CA VAL A 473 -4.20 9.66 -15.89
C VAL A 473 -3.86 10.51 -14.69
N TYR A 474 -2.86 10.06 -13.95
CA TYR A 474 -2.40 10.78 -12.78
C TYR A 474 -2.15 12.21 -13.09
N LEU A 475 -1.43 12.44 -14.16
CA LEU A 475 -1.04 13.76 -14.57
C LEU A 475 -2.24 14.58 -14.97
N VAL A 476 -3.25 13.93 -15.55
CA VAL A 476 -4.46 14.64 -15.92
C VAL A 476 -5.09 15.26 -14.73
N PHE A 477 -5.21 14.49 -13.67
CA PHE A 477 -5.83 14.99 -12.47
C PHE A 477 -4.94 15.97 -11.77
N LEU A 478 -3.65 15.69 -11.75
CA LEU A 478 -2.72 16.58 -11.13
C LEU A 478 -2.82 17.94 -11.73
N PHE A 479 -2.75 17.99 -13.04
CA PHE A 479 -2.80 19.22 -13.75
C PHE A 479 -4.14 19.89 -13.59
N GLY A 480 -5.20 19.14 -13.80
CA GLY A 480 -6.53 19.70 -13.74
C GLY A 480 -6.80 20.37 -12.42
N PHE A 481 -6.54 19.65 -11.35
CA PHE A 481 -6.78 20.18 -10.03
C PHE A 481 -5.87 21.33 -9.71
N SER A 482 -4.63 21.31 -10.22
CA SER A 482 -3.72 22.38 -9.91
C SER A 482 -4.19 23.68 -10.49
N THR A 483 -4.78 23.62 -11.67
CA THR A 483 -5.27 24.82 -12.30
C THR A 483 -6.51 25.31 -11.61
N ALA A 484 -7.31 24.37 -11.11
CA ALA A 484 -8.50 24.70 -10.38
C ALA A 484 -8.13 25.49 -9.14
N VAL A 485 -7.16 24.98 -8.41
CA VAL A 485 -6.73 25.61 -7.20
C VAL A 485 -6.10 26.96 -7.46
N VAL A 486 -5.21 27.02 -8.44
CA VAL A 486 -4.56 28.28 -8.80
C VAL A 486 -5.56 29.34 -9.09
N THR A 487 -6.61 28.98 -9.80
CA THR A 487 -7.64 29.93 -10.11
C THR A 487 -8.17 30.59 -8.87
N LEU A 488 -8.40 29.79 -7.83
CA LEU A 488 -8.87 30.31 -6.56
C LEU A 488 -7.81 31.17 -5.87
N ILE A 489 -6.56 30.78 -6.02
CA ILE A 489 -5.47 31.45 -5.33
C ILE A 489 -5.24 32.87 -5.78
N GLU A 490 -5.10 33.76 -4.80
CA GLU A 490 -4.84 35.16 -5.05
C GLU A 490 -3.33 35.42 -5.24
N ASP A 491 -2.52 34.79 -4.39
CA ASP A 491 -1.08 34.91 -4.48
C ASP A 491 -0.38 33.87 -3.59
N GLY A 492 0.29 34.33 -2.52
CA GLY A 492 0.95 33.44 -1.56
C GLY A 492 2.10 32.64 -2.16
N LYS A 493 2.55 33.03 -3.36
CA LYS A 493 3.56 32.29 -4.10
C LYS A 493 3.03 30.94 -4.59
N TYR A 494 1.71 30.78 -4.56
CA TYR A 494 1.09 29.57 -5.03
C TYR A 494 0.30 29.85 -6.28
N ASN A 495 -0.01 31.12 -6.51
CA ASN A 495 -0.62 31.53 -7.76
C ASN A 495 0.19 31.03 -8.97
N SER A 496 1.50 30.87 -8.77
CA SER A 496 2.35 30.26 -9.76
C SER A 496 2.02 28.78 -9.85
N LEU A 497 1.43 28.39 -10.97
CA LEU A 497 1.00 27.03 -11.21
C LEU A 497 2.04 26.01 -10.81
N TYR A 498 3.28 26.30 -11.14
CA TYR A 498 4.38 25.44 -10.83
C TYR A 498 4.39 25.00 -9.38
N SER A 499 4.24 25.95 -8.47
CA SER A 499 4.33 25.64 -7.07
C SER A 499 3.09 24.94 -6.58
N THR A 500 1.94 25.32 -7.12
CA THR A 500 0.69 24.69 -6.73
C THR A 500 0.65 23.24 -7.11
N CYS A 501 1.10 22.91 -8.30
CA CYS A 501 1.06 21.54 -8.73
C CYS A 501 1.99 20.71 -7.90
N LEU A 502 3.06 21.32 -7.39
CA LEU A 502 3.93 20.61 -6.49
C LEU A 502 3.25 20.36 -5.17
N GLU A 503 2.44 21.32 -4.73
CA GLU A 503 1.72 21.15 -3.49
C GLU A 503 0.75 20.01 -3.58
N LEU A 504 0.14 19.84 -4.75
CA LEU A 504 -0.74 18.72 -4.93
C LEU A 504 0.02 17.43 -5.03
N PHE A 505 1.15 17.48 -5.71
CA PHE A 505 2.00 16.31 -5.85
C PHE A 505 2.37 15.76 -4.48
N LYS A 506 2.64 16.67 -3.54
CA LYS A 506 3.01 16.31 -2.20
C LYS A 506 1.98 15.40 -1.50
N PHE A 507 0.71 15.49 -1.88
CA PHE A 507 -0.29 14.65 -1.26
C PHE A 507 -0.09 13.21 -1.59
N THR A 508 0.52 12.94 -2.74
CA THR A 508 0.66 11.59 -3.17
C THR A 508 1.94 10.99 -2.66
N ILE A 509 2.90 11.83 -2.31
CA ILE A 509 4.11 11.31 -1.66
C ILE A 509 3.86 11.14 -0.17
N GLY A 510 2.85 11.83 0.35
CA GLY A 510 2.47 11.66 1.74
C GLY A 510 2.72 12.91 2.59
N MET A 511 3.08 14.01 1.94
CA MET A 511 3.33 15.24 2.67
C MET A 511 2.55 16.40 2.13
N GLY A 512 1.30 16.16 1.77
CA GLY A 512 0.48 17.24 1.24
C GLY A 512 -0.25 17.96 2.37
N ASP A 513 -0.12 19.28 2.38
CA ASP A 513 -0.73 20.10 3.41
C ASP A 513 -2.05 20.69 2.96
N LEU A 514 -3.13 20.27 3.61
CA LEU A 514 -4.47 20.74 3.30
C LEU A 514 -4.61 22.25 3.50
N GLU A 515 -3.77 22.82 4.34
CA GLU A 515 -3.85 24.22 4.66
C GLU A 515 -2.66 24.99 4.14
N PHE A 516 -2.07 24.51 3.04
CA PHE A 516 -0.87 25.15 2.50
C PHE A 516 -1.04 26.66 2.19
N THR A 517 -2.27 27.12 1.99
CA THR A 517 -2.48 28.55 1.75
C THR A 517 -3.85 29.01 2.19
N GLU A 518 -3.98 30.33 2.34
CA GLU A 518 -5.24 30.97 2.72
C GLU A 518 -5.63 32.06 1.73
N ASN A 519 -4.89 32.16 0.63
CA ASN A 519 -5.11 33.22 -0.35
C ASN A 519 -6.30 32.94 -1.25
N TYR A 520 -7.48 33.06 -0.70
CA TYR A 520 -8.72 32.82 -1.43
C TYR A 520 -9.92 33.24 -0.63
N ASP A 521 -11.02 33.47 -1.31
CA ASP A 521 -12.26 33.84 -0.67
C ASP A 521 -13.21 32.67 -0.56
N PHE A 522 -12.78 31.50 -0.99
CA PHE A 522 -13.65 30.34 -1.02
C PHE A 522 -13.01 29.16 -0.33
N LYS A 523 -12.89 29.27 0.99
CA LYS A 523 -12.28 28.24 1.81
C LYS A 523 -12.92 26.89 1.61
N ALA A 524 -14.24 26.85 1.67
CA ALA A 524 -14.95 25.60 1.53
C ALA A 524 -14.60 24.93 0.23
N VAL A 525 -14.69 25.69 -0.85
CA VAL A 525 -14.41 25.19 -2.18
C VAL A 525 -13.01 24.70 -2.30
N PHE A 526 -12.09 25.48 -1.77
CA PHE A 526 -10.69 25.15 -1.76
C PHE A 526 -10.48 23.78 -1.17
N ILE A 527 -11.08 23.55 -0.02
CA ILE A 527 -10.96 22.29 0.67
C ILE A 527 -11.60 21.17 -0.12
N ILE A 528 -12.77 21.45 -0.69
CA ILE A 528 -13.47 20.46 -1.48
C ILE A 528 -12.61 19.91 -2.59
N LEU A 529 -11.93 20.82 -3.28
CA LEU A 529 -11.09 20.43 -4.38
C LEU A 529 -9.98 19.55 -3.92
N LEU A 530 -9.39 19.90 -2.79
CA LEU A 530 -8.30 19.14 -2.25
C LEU A 530 -8.75 17.75 -1.89
N LEU A 531 -9.93 17.66 -1.30
CA LEU A 531 -10.46 16.38 -0.89
C LEU A 531 -10.70 15.49 -2.07
N ALA A 532 -11.23 16.08 -3.14
CA ALA A 532 -11.50 15.33 -4.34
C ALA A 532 -10.21 14.79 -4.91
N TYR A 533 -9.20 15.66 -4.97
CA TYR A 533 -7.90 15.27 -5.47
C TYR A 533 -7.32 14.12 -4.68
N VAL A 534 -7.37 14.23 -3.36
CA VAL A 534 -6.85 13.18 -2.52
C VAL A 534 -7.57 11.88 -2.75
N ILE A 535 -8.87 11.91 -2.67
CA ILE A 535 -9.65 10.71 -2.81
C ILE A 535 -9.46 10.05 -4.14
N LEU A 536 -9.47 10.83 -5.19
CA LEU A 536 -9.37 10.27 -6.50
C LEU A 536 -7.96 9.83 -6.82
N THR A 537 -7.00 10.61 -6.43
CA THR A 537 -5.64 10.32 -6.78
C THR A 537 -4.94 9.55 -5.71
N TYR A 538 -4.83 10.15 -4.54
CA TYR A 538 -4.08 9.53 -3.47
C TYR A 538 -4.65 8.22 -3.03
N ILE A 539 -5.95 8.18 -2.81
CA ILE A 539 -6.55 6.96 -2.34
C ILE A 539 -6.80 6.02 -3.48
N LEU A 540 -7.76 6.37 -4.31
CA LEU A 540 -8.24 5.51 -5.35
C LEU A 540 -7.16 5.05 -6.32
N LEU A 541 -6.60 5.98 -7.07
CA LEU A 541 -5.70 5.60 -8.14
C LEU A 541 -4.44 4.91 -7.68
N LEU A 542 -3.82 5.40 -6.61
CA LEU A 542 -2.60 4.76 -6.15
C LEU A 542 -2.85 3.34 -5.71
N GLN A 543 -3.96 3.12 -5.04
CA GLN A 543 -4.28 1.79 -4.58
C GLN A 543 -4.65 0.92 -5.75
N MET A 544 -5.35 1.49 -6.72
CA MET A 544 -5.73 0.78 -7.90
C MET A 544 -4.54 0.31 -8.62
N LEU A 545 -3.55 1.17 -8.71
CA LEU A 545 -2.31 0.83 -9.34
C LEU A 545 -1.74 -0.41 -8.72
N ILE A 546 -1.67 -0.42 -7.39
CA ILE A 546 -1.16 -1.60 -6.68
C ILE A 546 -1.91 -2.84 -7.08
N ALA A 547 -3.23 -2.75 -7.11
CA ALA A 547 -4.09 -3.86 -7.47
C ALA A 547 -3.74 -4.40 -8.84
N LEU A 548 -3.64 -3.50 -9.80
CA LEU A 548 -3.36 -3.88 -11.17
C LEU A 548 -2.00 -4.47 -11.30
N MET A 549 -1.05 -3.93 -10.56
CA MET A 549 0.29 -4.43 -10.54
C MET A 549 0.32 -5.87 -10.10
N GLY A 550 -0.47 -6.19 -9.06
CA GLY A 550 -0.57 -7.56 -8.57
C GLY A 550 -1.05 -8.48 -9.68
N GLU A 551 -2.03 -8.03 -10.44
CA GLU A 551 -2.55 -8.83 -11.52
C GLU A 551 -1.56 -8.99 -12.62
N THR A 552 -0.83 -7.93 -12.91
CA THR A 552 0.19 -7.98 -13.94
C THR A 552 1.23 -9.01 -13.58
N VAL A 553 1.61 -9.05 -12.30
CA VAL A 553 2.54 -10.04 -11.82
C VAL A 553 2.04 -11.44 -12.09
N ASN A 554 0.76 -11.66 -11.83
CA ASN A 554 0.14 -12.94 -12.07
C ASN A 554 0.23 -13.32 -13.52
N LYS A 555 -0.06 -12.35 -14.39
CA LYS A 555 -0.07 -12.58 -15.82
C LYS A 555 1.31 -12.88 -16.36
N ILE A 556 2.33 -12.26 -15.81
CA ILE A 556 3.66 -12.44 -16.32
C ILE A 556 4.28 -13.70 -15.74
N ALA A 557 4.86 -13.59 -14.55
CA ALA A 557 5.49 -14.71 -13.87
C ALA A 557 6.44 -15.47 -14.82
N GLN A 558 5.91 -16.52 -15.46
CA GLN A 558 6.68 -17.37 -16.35
C GLN A 558 7.24 -16.61 -17.52
N GLU A 559 6.51 -15.62 -17.97
CA GLU A 559 6.93 -14.86 -19.10
C GLU A 559 8.20 -14.10 -18.82
N SER A 560 8.33 -13.60 -17.60
CA SER A 560 9.54 -12.88 -17.25
C SER A 560 10.72 -13.81 -17.26
N LYS A 561 10.48 -15.04 -16.85
CA LYS A 561 11.52 -16.04 -16.86
C LYS A 561 11.94 -16.34 -18.29
N ASN A 562 10.96 -16.45 -19.17
CA ASN A 562 11.21 -16.70 -20.57
C ASN A 562 12.08 -15.60 -21.14
N ILE A 563 11.68 -14.37 -20.85
CA ILE A 563 12.38 -13.22 -21.31
C ILE A 563 13.77 -13.19 -20.78
N TRP A 564 13.94 -13.48 -19.51
CA TRP A 564 15.23 -13.48 -18.89
C TRP A 564 16.17 -14.43 -19.60
N LYS A 565 15.67 -15.60 -19.95
CA LYS A 565 16.51 -16.56 -20.64
C LYS A 565 16.97 -16.00 -21.96
N LEU A 566 16.07 -15.35 -22.67
CA LEU A 566 16.42 -14.68 -23.91
C LEU A 566 17.46 -13.63 -23.69
N GLN A 567 17.23 -12.80 -22.70
CA GLN A 567 18.12 -11.73 -22.38
C GLN A 567 19.54 -12.25 -22.18
N ARG A 568 19.65 -13.36 -21.46
CA ARG A 568 20.93 -13.96 -21.20
C ARG A 568 21.52 -14.50 -22.49
N ALA A 569 20.70 -15.18 -23.27
CA ALA A 569 21.14 -15.78 -24.53
C ALA A 569 21.75 -14.74 -25.43
N ILE A 570 21.11 -13.58 -25.50
CA ILE A 570 21.61 -12.50 -26.31
C ILE A 570 22.97 -12.09 -25.85
N THR A 571 23.12 -11.96 -24.54
CA THR A 571 24.40 -11.62 -23.96
C THR A 571 25.45 -12.63 -24.33
N ILE A 572 25.08 -13.90 -24.28
CA ILE A 572 25.98 -14.98 -24.62
C ILE A 572 26.49 -14.86 -26.04
N LEU A 573 25.58 -14.60 -26.96
CA LEU A 573 25.94 -14.49 -28.35
C LEU A 573 26.87 -13.35 -28.59
N ASP A 574 26.57 -12.22 -27.97
CA ASP A 574 27.37 -11.05 -28.12
C ASP A 574 28.73 -11.26 -27.51
N THR A 575 28.76 -12.01 -26.42
CA THR A 575 30.01 -12.31 -25.76
C THR A 575 30.94 -13.02 -26.70
N GLU A 576 30.46 -14.08 -27.33
CA GLU A 576 31.29 -14.84 -28.24
C GLU A 576 31.68 -14.04 -29.46
N LYS A 577 30.73 -13.29 -29.98
CA LYS A 577 30.93 -12.49 -31.16
C LYS A 577 31.98 -11.42 -30.95
N SER A 578 31.93 -10.77 -29.81
CA SER A 578 32.87 -9.72 -29.52
C SER A 578 34.19 -10.24 -28.96
N PHE A 579 34.13 -11.35 -28.21
CA PHE A 579 35.33 -11.88 -27.57
C PHE A 579 36.24 -12.67 -28.49
N LEU A 580 36.89 -11.97 -29.41
CA LEU A 580 37.95 -12.52 -30.24
C LEU A 580 37.56 -13.76 -31.06
N LYS A 581 36.26 -14.04 -31.16
CA LYS A 581 35.79 -15.27 -31.82
C LYS A 581 36.49 -16.50 -31.21
N CYS A 582 36.68 -16.48 -29.89
CA CYS A 582 37.37 -17.54 -29.17
C CYS A 582 36.82 -18.92 -29.48
N MET A 583 37.73 -19.87 -29.70
CA MET A 583 37.39 -21.24 -30.03
C MET A 583 36.48 -21.89 -29.01
N ARG A 584 35.53 -22.66 -29.50
CA ARG A 584 34.56 -23.33 -28.65
C ARG A 584 33.99 -24.55 -29.33
N LYS A 585 33.09 -25.21 -28.63
CA LYS A 585 32.36 -26.33 -29.18
C LYS A 585 31.31 -25.82 -30.15
N LEU B 271 -19.85 -13.34 -46.45
CA LEU B 271 -20.43 -12.05 -46.09
C LEU B 271 -21.78 -12.22 -45.43
N TYR B 272 -21.95 -11.59 -44.28
CA TYR B 272 -23.19 -11.64 -43.55
C TYR B 272 -24.16 -10.61 -44.09
N ASP B 273 -25.45 -10.88 -43.94
CA ASP B 273 -26.47 -9.94 -44.41
C ASP B 273 -26.60 -8.76 -43.48
N LEU B 274 -25.70 -7.80 -43.66
CA LEU B 274 -25.58 -6.62 -42.81
C LEU B 274 -26.84 -5.74 -42.80
N SER B 275 -27.69 -5.88 -43.81
CA SER B 275 -28.88 -5.06 -43.90
C SER B 275 -29.83 -5.33 -42.74
N CYS B 276 -29.73 -6.52 -42.16
CA CYS B 276 -30.54 -6.89 -41.02
C CYS B 276 -30.22 -5.99 -39.85
N ILE B 277 -28.94 -5.77 -39.65
CA ILE B 277 -28.47 -4.91 -38.58
C ILE B 277 -28.98 -3.52 -38.78
N ASP B 278 -28.96 -3.07 -40.02
CA ASP B 278 -29.41 -1.73 -40.36
C ASP B 278 -30.92 -1.57 -40.52
N THR B 279 -31.73 -2.51 -39.99
CA THR B 279 -33.20 -2.35 -40.04
C THR B 279 -33.68 -1.35 -38.97
N CYS B 280 -33.21 -0.11 -39.11
CA CYS B 280 -33.46 0.99 -38.17
C CYS B 280 -34.88 1.47 -38.24
N GLU B 281 -35.59 1.08 -39.30
CA GLU B 281 -37.00 1.42 -39.44
C GLU B 281 -37.78 0.96 -38.22
N LYS B 282 -37.30 -0.11 -37.58
CA LYS B 282 -37.85 -0.54 -36.32
C LYS B 282 -36.87 -0.20 -35.23
N ASN B 283 -35.63 -0.69 -35.39
CA ASN B 283 -34.56 -0.49 -34.42
C ASN B 283 -33.35 -1.29 -34.87
N SER B 284 -32.23 -0.62 -35.14
CA SER B 284 -31.03 -1.32 -35.58
C SER B 284 -30.57 -2.26 -34.51
N VAL B 285 -30.03 -3.38 -34.94
CA VAL B 285 -29.52 -4.36 -34.01
C VAL B 285 -28.52 -3.74 -33.07
N LEU B 286 -27.69 -2.85 -33.60
CA LEU B 286 -26.69 -2.21 -32.81
C LEU B 286 -27.30 -1.23 -31.84
N GLU B 287 -28.36 -0.56 -32.29
CA GLU B 287 -29.07 0.36 -31.44
C GLU B 287 -29.74 -0.36 -30.29
N VAL B 288 -30.29 -1.53 -30.58
CA VAL B 288 -30.89 -2.34 -29.55
C VAL B 288 -29.92 -2.56 -28.43
N ILE B 289 -28.70 -2.92 -28.79
CA ILE B 289 -27.66 -3.18 -27.83
C ILE B 289 -27.21 -1.90 -27.15
N ALA B 290 -26.94 -0.88 -27.93
CA ALA B 290 -26.40 0.38 -27.43
C ALA B 290 -27.29 1.02 -26.39
N TYR B 291 -28.58 0.98 -26.62
CA TYR B 291 -29.50 1.63 -25.72
C TYR B 291 -30.19 0.61 -24.84
N SER B 292 -29.58 -0.56 -24.68
CA SER B 292 -30.15 -1.60 -23.87
C SER B 292 -30.14 -1.23 -22.41
N SER B 293 -31.23 -1.56 -21.73
CA SER B 293 -31.36 -1.35 -20.31
C SER B 293 -30.24 -2.03 -19.57
N SER B 294 -29.82 -1.41 -18.47
CA SER B 294 -28.78 -1.98 -17.61
C SER B 294 -29.20 -3.35 -17.07
N GLU B 295 -30.51 -3.60 -17.05
CA GLU B 295 -31.07 -4.85 -16.58
C GLU B 295 -30.79 -6.04 -17.51
N THR B 296 -30.53 -5.75 -18.79
CA THR B 296 -30.31 -6.81 -19.78
C THR B 296 -29.09 -7.69 -19.39
N PRO B 297 -29.28 -9.02 -19.33
CA PRO B 297 -28.26 -9.97 -18.94
C PRO B 297 -27.10 -10.00 -19.90
N ASN B 298 -27.40 -9.92 -21.18
CA ASN B 298 -26.39 -9.98 -22.20
C ASN B 298 -26.04 -8.60 -22.72
N ARG B 299 -26.37 -7.55 -21.96
CA ARG B 299 -26.14 -6.17 -22.39
C ARG B 299 -24.78 -5.99 -23.04
N HIS B 300 -23.77 -6.64 -22.49
CA HIS B 300 -22.43 -6.54 -22.99
C HIS B 300 -22.09 -7.72 -23.89
N ASP B 301 -22.57 -8.91 -23.50
CA ASP B 301 -22.27 -10.15 -24.17
C ASP B 301 -22.78 -10.21 -25.60
N MET B 302 -23.82 -9.47 -25.90
CA MET B 302 -24.38 -9.44 -27.25
C MET B 302 -23.34 -9.05 -28.30
N LEU B 303 -22.35 -8.26 -27.91
CA LEU B 303 -21.34 -7.82 -28.87
C LEU B 303 -20.23 -8.82 -29.06
N LEU B 304 -20.40 -10.02 -28.56
CA LEU B 304 -19.44 -11.07 -28.79
C LEU B 304 -19.68 -11.73 -30.14
N VAL B 305 -20.80 -11.36 -30.80
CA VAL B 305 -21.12 -11.88 -32.12
C VAL B 305 -20.10 -11.41 -33.15
N GLU B 306 -19.55 -12.38 -33.89
CA GLU B 306 -18.51 -12.12 -34.89
C GLU B 306 -18.94 -11.15 -35.99
N PRO B 307 -20.20 -11.20 -36.43
CA PRO B 307 -20.69 -10.27 -37.41
C PRO B 307 -20.70 -8.86 -36.88
N LEU B 308 -21.05 -8.71 -35.62
CA LEU B 308 -21.13 -7.39 -35.04
C LEU B 308 -19.75 -6.82 -34.85
N ASN B 309 -18.81 -7.67 -34.45
CA ASN B 309 -17.45 -7.24 -34.21
C ASN B 309 -16.76 -6.90 -35.49
N ARG B 310 -16.96 -7.74 -36.50
CA ARG B 310 -16.44 -7.48 -37.82
C ARG B 310 -16.87 -6.12 -38.28
N LEU B 311 -18.15 -5.87 -38.19
CA LEU B 311 -18.74 -4.65 -38.63
C LEU B 311 -18.21 -3.44 -37.88
N LEU B 312 -18.26 -3.51 -36.55
CA LEU B 312 -17.88 -2.39 -35.73
C LEU B 312 -16.41 -2.04 -35.87
N GLN B 313 -15.57 -3.05 -35.95
CA GLN B 313 -14.15 -2.82 -36.09
C GLN B 313 -13.88 -2.17 -37.42
N ASP B 314 -14.60 -2.61 -38.44
CA ASP B 314 -14.49 -2.02 -39.75
C ASP B 314 -14.78 -0.55 -39.68
N LYS B 315 -15.89 -0.20 -39.06
CA LYS B 315 -16.32 1.19 -38.96
C LYS B 315 -15.28 2.02 -38.27
N TRP B 316 -14.78 1.50 -37.16
CA TRP B 316 -13.81 2.17 -36.35
C TRP B 316 -12.58 2.54 -37.14
N ASP B 317 -12.00 1.55 -37.79
CA ASP B 317 -10.80 1.76 -38.55
C ASP B 317 -11.05 2.55 -39.80
N ARG B 318 -12.17 2.30 -40.45
CA ARG B 318 -12.48 2.92 -41.71
C ARG B 318 -12.55 4.43 -41.61
N PHE B 319 -13.17 4.94 -40.54
CA PHE B 319 -13.25 6.39 -40.44
C PHE B 319 -13.59 6.92 -39.06
N VAL B 320 -14.31 6.13 -38.26
CA VAL B 320 -14.82 6.66 -37.01
C VAL B 320 -13.74 7.15 -36.10
N LYS B 321 -12.67 6.37 -35.98
CA LYS B 321 -11.59 6.73 -35.08
C LYS B 321 -10.93 8.03 -35.47
N ARG B 322 -11.02 8.40 -36.74
CA ARG B 322 -10.43 9.63 -37.19
C ARG B 322 -11.25 10.77 -36.69
N ILE B 323 -12.56 10.64 -36.86
CA ILE B 323 -13.49 11.63 -36.39
C ILE B 323 -13.37 11.77 -34.90
N PHE B 324 -13.27 10.63 -34.23
CA PHE B 324 -13.15 10.57 -32.80
C PHE B 324 -11.92 11.30 -32.31
N TYR B 325 -10.79 11.03 -32.95
CA TYR B 325 -9.54 11.68 -32.55
C TYR B 325 -9.65 13.16 -32.73
N PHE B 326 -10.32 13.57 -33.80
CA PHE B 326 -10.54 14.97 -34.05
C PHE B 326 -11.33 15.61 -32.93
N ASN B 327 -12.43 14.97 -32.55
CA ASN B 327 -13.28 15.49 -31.49
C ASN B 327 -12.50 15.62 -30.21
N PHE B 328 -11.68 14.63 -29.91
CA PHE B 328 -10.82 14.67 -28.75
C PHE B 328 -9.91 15.85 -28.80
N PHE B 329 -9.26 16.01 -29.94
CA PHE B 329 -8.34 17.10 -30.14
C PHE B 329 -9.01 18.43 -29.86
N VAL B 330 -10.19 18.61 -30.41
CA VAL B 330 -10.95 19.81 -30.19
C VAL B 330 -11.22 20.02 -28.72
N TYR B 331 -11.60 18.97 -28.04
CA TYR B 331 -11.91 19.07 -26.63
C TYR B 331 -10.73 19.47 -25.81
N CYS B 332 -9.57 18.88 -26.09
CA CYS B 332 -8.41 19.20 -25.29
C CYS B 332 -7.98 20.65 -25.54
N LEU B 333 -8.29 21.17 -26.73
CA LEU B 333 -8.03 22.56 -27.01
C LEU B 333 -8.93 23.41 -26.17
N TYR B 334 -10.19 23.02 -26.11
CA TYR B 334 -11.16 23.69 -25.30
C TYR B 334 -10.69 23.84 -23.89
N MET B 335 -10.17 22.75 -23.34
CA MET B 335 -9.75 22.75 -21.96
C MET B 335 -8.60 23.67 -21.70
N ILE B 336 -7.61 23.71 -22.59
CA ILE B 336 -6.47 24.58 -22.34
C ILE B 336 -6.82 26.04 -22.56
N ILE B 337 -7.81 26.29 -23.40
CA ILE B 337 -8.29 27.64 -23.60
C ILE B 337 -8.97 28.13 -22.36
N PHE B 338 -9.83 27.29 -21.82
CA PHE B 338 -10.55 27.59 -20.62
C PHE B 338 -9.62 27.78 -19.47
N THR B 339 -8.64 26.89 -19.39
CA THR B 339 -7.63 26.95 -18.35
C THR B 339 -6.94 28.29 -18.35
N ALA B 340 -6.47 28.72 -19.50
CA ALA B 340 -5.75 29.98 -19.62
C ALA B 340 -6.62 31.14 -19.21
N ALA B 341 -7.89 31.12 -19.65
CA ALA B 341 -8.82 32.18 -19.33
C ALA B 341 -8.90 32.37 -17.83
N ALA B 342 -9.04 31.27 -17.12
CA ALA B 342 -9.12 31.30 -15.67
C ALA B 342 -7.80 31.74 -15.06
N TYR B 343 -6.70 31.20 -15.58
CA TYR B 343 -5.37 31.48 -15.05
C TYR B 343 -5.06 32.97 -15.05
N TYR B 344 -5.43 33.66 -16.12
CA TYR B 344 -5.17 35.08 -16.24
C TYR B 344 -6.40 35.92 -15.97
N ARG B 345 -7.31 35.41 -15.16
CA ARG B 345 -8.54 36.13 -14.86
C ARG B 345 -8.34 37.20 -13.79
N PRO B 346 -8.58 38.48 -14.12
CA PRO B 346 -8.49 39.63 -13.26
C PRO B 346 -9.55 39.58 -12.20
N VAL B 347 -9.34 38.76 -11.19
CA VAL B 347 -10.29 38.62 -10.10
C VAL B 347 -10.41 39.89 -9.23
N GLU B 348 -9.47 40.82 -9.37
CA GLU B 348 -9.50 42.05 -8.62
C GLU B 348 -10.76 42.86 -8.88
N GLY B 349 -11.59 43.04 -7.84
CA GLY B 349 -12.82 43.80 -7.94
C GLY B 349 -14.03 42.89 -8.06
N LEU B 350 -15.08 43.39 -8.71
CA LEU B 350 -16.28 42.59 -8.95
C LEU B 350 -16.62 42.57 -10.42
N PRO B 351 -17.15 41.45 -10.90
CA PRO B 351 -17.54 41.19 -12.25
C PRO B 351 -18.83 41.91 -12.58
N PRO B 352 -19.09 42.13 -13.84
CA PRO B 352 -18.28 41.88 -14.98
C PRO B 352 -17.14 42.86 -15.03
N TYR B 353 -16.03 42.43 -15.62
CA TYR B 353 -14.85 43.27 -15.65
C TYR B 353 -14.75 43.96 -16.99
N LYS B 354 -14.19 45.18 -16.98
CA LYS B 354 -14.06 45.95 -18.20
C LYS B 354 -12.72 45.71 -18.86
N LEU B 355 -12.78 45.32 -20.12
CA LEU B 355 -11.59 45.09 -20.91
C LEU B 355 -10.88 46.37 -21.21
N LYS B 356 -9.56 46.30 -21.28
CA LYS B 356 -8.77 47.44 -21.65
C LYS B 356 -8.17 47.17 -23.00
N ASN B 357 -7.61 48.19 -23.63
CA ASN B 357 -7.06 48.04 -24.97
C ASN B 357 -5.70 47.36 -24.96
N THR B 358 -5.67 46.07 -24.62
CA THR B 358 -4.43 45.31 -24.65
C THR B 358 -4.66 43.97 -25.31
N VAL B 359 -3.58 43.38 -25.78
CA VAL B 359 -3.63 42.08 -26.42
C VAL B 359 -4.05 41.00 -25.44
N GLY B 360 -3.55 41.09 -24.22
CA GLY B 360 -3.86 40.13 -23.18
C GLY B 360 -5.35 40.14 -22.87
N ASP B 361 -5.94 41.34 -22.78
CA ASP B 361 -7.36 41.47 -22.52
C ASP B 361 -8.16 40.86 -23.64
N TYR B 362 -7.74 41.13 -24.87
CA TYR B 362 -8.37 40.56 -26.04
C TYR B 362 -8.34 39.05 -25.98
N PHE B 363 -7.18 38.49 -25.67
CA PHE B 363 -7.04 37.05 -25.60
C PHE B 363 -7.88 36.46 -24.51
N ARG B 364 -7.96 37.16 -23.38
CA ARG B 364 -8.71 36.66 -22.26
C ARG B 364 -10.15 36.52 -22.60
N VAL B 365 -10.76 37.60 -23.06
CA VAL B 365 -12.17 37.56 -23.38
C VAL B 365 -12.46 36.63 -24.52
N THR B 366 -11.48 36.46 -25.42
CA THR B 366 -11.65 35.52 -26.50
C THR B 366 -11.83 34.15 -25.95
N GLY B 367 -10.91 33.74 -25.06
CA GLY B 367 -10.97 32.44 -24.44
C GLY B 367 -12.20 32.30 -23.57
N GLU B 368 -12.57 33.38 -22.87
CA GLU B 368 -13.74 33.39 -22.01
C GLU B 368 -14.98 33.04 -22.80
N ILE B 369 -15.17 33.74 -23.91
CA ILE B 369 -16.30 33.51 -24.77
C ILE B 369 -16.31 32.10 -25.28
N LEU B 370 -15.15 31.62 -25.72
CA LEU B 370 -15.02 30.28 -26.24
C LEU B 370 -15.35 29.26 -25.18
N SER B 371 -14.95 29.54 -23.95
CA SER B 371 -15.19 28.64 -22.84
C SER B 371 -16.67 28.49 -22.63
N VAL B 372 -17.38 29.61 -22.61
CA VAL B 372 -18.80 29.59 -22.43
C VAL B 372 -19.47 28.88 -23.56
N SER B 373 -19.04 29.16 -24.78
CA SER B 373 -19.61 28.56 -25.97
C SER B 373 -19.56 27.06 -25.91
N GLY B 374 -18.39 26.50 -25.60
CA GLY B 374 -18.24 25.07 -25.51
C GLY B 374 -19.10 24.51 -24.39
N GLY B 375 -19.22 25.26 -23.30
CA GLY B 375 -20.09 24.85 -22.22
C GLY B 375 -21.51 24.69 -22.72
N VAL B 376 -22.01 25.71 -23.41
CA VAL B 376 -23.34 25.69 -23.98
C VAL B 376 -23.52 24.52 -24.92
N TYR B 377 -22.50 24.26 -25.72
CA TYR B 377 -22.51 23.15 -26.63
C TYR B 377 -22.78 21.83 -25.92
N PHE B 378 -22.02 21.56 -24.87
CA PHE B 378 -22.20 20.33 -24.14
C PHE B 378 -23.50 20.32 -23.40
N PHE B 379 -23.91 21.48 -22.90
CA PHE B 379 -25.15 21.61 -22.20
C PHE B 379 -26.29 21.21 -23.09
N PHE B 380 -26.32 21.81 -24.26
CA PHE B 380 -27.36 21.57 -25.22
C PHE B 380 -27.40 20.12 -25.63
N ARG B 381 -26.24 19.51 -25.85
CA ARG B 381 -26.21 18.11 -26.19
C ARG B 381 -26.81 17.27 -25.08
N GLY B 382 -26.52 17.62 -23.84
CA GLY B 382 -27.10 16.94 -22.71
C GLY B 382 -28.61 17.07 -22.75
N ILE B 383 -29.08 18.27 -23.09
CA ILE B 383 -30.50 18.51 -23.22
C ILE B 383 -31.09 17.65 -24.31
N GLN B 384 -30.38 17.51 -25.43
CA GLN B 384 -30.84 16.68 -26.53
C GLN B 384 -31.02 15.28 -26.07
N TYR B 385 -30.09 14.80 -25.26
CA TYR B 385 -30.17 13.47 -24.75
C TYR B 385 -31.35 13.33 -23.86
N PHE B 386 -31.64 14.37 -23.09
CA PHE B 386 -32.79 14.37 -22.22
C PHE B 386 -34.08 14.39 -23.03
N LEU B 387 -34.05 15.06 -24.17
CA LEU B 387 -35.20 15.08 -25.06
C LEU B 387 -35.47 13.69 -25.59
N GLN B 388 -34.41 12.93 -25.81
CA GLN B 388 -34.53 11.55 -26.24
C GLN B 388 -34.62 10.65 -25.03
N ARG B 389 -33.46 10.33 -24.46
CA ARG B 389 -33.39 9.51 -23.28
C ARG B 389 -33.65 10.37 -22.07
N ARG B 390 -34.92 10.52 -21.73
CA ARG B 390 -35.33 11.36 -20.61
C ARG B 390 -34.49 11.11 -19.37
N PRO B 391 -34.25 12.15 -18.55
CA PRO B 391 -33.43 12.16 -17.37
C PRO B 391 -33.94 11.21 -16.29
N SER B 392 -35.26 10.94 -16.33
CA SER B 392 -35.86 9.94 -15.45
C SER B 392 -35.33 8.55 -15.78
N LEU B 393 -34.87 8.38 -17.02
CA LEU B 393 -34.30 7.13 -17.47
C LEU B 393 -32.80 7.17 -17.23
N LYS B 394 -32.21 8.33 -17.53
CA LYS B 394 -30.75 8.52 -17.43
C LYS B 394 -30.25 8.25 -16.03
N SER B 395 -31.03 8.65 -15.03
CA SER B 395 -30.68 8.43 -13.63
C SER B 395 -30.57 6.94 -13.29
N LEU B 396 -31.16 6.08 -14.12
CA LEU B 396 -31.17 4.66 -13.89
C LEU B 396 -29.97 3.99 -14.54
N PHE B 397 -29.22 4.75 -15.35
CA PHE B 397 -28.05 4.22 -16.02
C PHE B 397 -26.79 4.78 -15.46
N VAL B 398 -26.24 4.10 -14.47
CA VAL B 398 -24.95 4.51 -13.94
C VAL B 398 -23.85 3.97 -14.89
N ASP B 399 -23.77 4.64 -16.03
CA ASP B 399 -22.92 4.32 -17.15
C ASP B 399 -23.06 5.47 -18.13
N SER B 400 -24.31 5.95 -18.24
CA SER B 400 -24.64 7.11 -19.05
C SER B 400 -24.13 8.37 -18.39
N TYR B 401 -23.67 8.23 -17.13
CA TYR B 401 -23.10 9.32 -16.38
C TYR B 401 -21.95 9.94 -17.15
N SER B 402 -21.30 9.16 -18.02
CA SER B 402 -20.21 9.67 -18.84
C SER B 402 -20.66 10.87 -19.67
N GLU B 403 -21.95 10.91 -20.00
CA GLU B 403 -22.51 12.04 -20.71
C GLU B 403 -22.93 13.10 -19.73
N ILE B 404 -23.55 12.65 -18.64
CA ILE B 404 -24.05 13.55 -17.61
C ILE B 404 -22.98 14.45 -17.08
N LEU B 405 -21.78 13.93 -16.92
CA LEU B 405 -20.68 14.70 -16.41
C LEU B 405 -20.41 15.92 -17.26
N PHE B 406 -20.59 15.81 -18.57
CA PHE B 406 -20.37 16.96 -19.43
C PHE B 406 -21.45 17.96 -19.19
N PHE B 407 -22.65 17.45 -18.95
CA PHE B 407 -23.77 18.31 -18.67
C PHE B 407 -23.51 19.09 -17.39
N VAL B 408 -23.04 18.39 -16.37
CA VAL B 408 -22.72 19.01 -15.09
C VAL B 408 -21.62 20.02 -15.23
N GLN B 409 -20.61 19.67 -16.00
CA GLN B 409 -19.51 20.56 -16.29
C GLN B 409 -20.03 21.86 -16.85
N SER B 410 -20.89 21.76 -17.87
CA SER B 410 -21.46 22.92 -18.51
C SER B 410 -22.37 23.66 -17.59
N LEU B 411 -23.02 22.93 -16.69
CA LEU B 411 -23.89 23.55 -15.73
C LEU B 411 -23.12 24.53 -14.89
N PHE B 412 -21.96 24.10 -14.38
CA PHE B 412 -21.11 24.97 -13.58
C PHE B 412 -20.68 26.18 -14.36
N MET B 413 -20.41 25.98 -15.64
CA MET B 413 -20.04 27.08 -16.51
C MET B 413 -21.14 28.11 -16.54
N LEU B 414 -22.36 27.65 -16.78
CA LEU B 414 -23.48 28.54 -16.91
C LEU B 414 -23.76 29.28 -15.63
N VAL B 415 -23.59 28.61 -14.51
CA VAL B 415 -23.78 29.23 -13.23
C VAL B 415 -22.81 30.36 -13.02
N SER B 416 -21.55 30.14 -13.40
CA SER B 416 -20.55 31.16 -13.25
C SER B 416 -20.85 32.35 -14.13
N VAL B 417 -21.45 32.10 -15.30
CA VAL B 417 -21.85 33.18 -16.16
C VAL B 417 -22.84 34.07 -15.47
N VAL B 418 -23.84 33.46 -14.86
CA VAL B 418 -24.86 34.18 -14.14
C VAL B 418 -24.27 35.01 -13.03
N LEU B 419 -23.47 34.38 -12.20
CA LEU B 419 -22.87 35.04 -11.06
C LEU B 419 -21.94 36.16 -11.50
N TYR B 420 -21.24 35.94 -12.59
CA TYR B 420 -20.36 36.93 -13.16
C TYR B 420 -21.13 38.19 -13.47
N PHE B 421 -22.24 38.05 -14.18
CA PHE B 421 -23.04 39.20 -14.54
C PHE B 421 -23.91 39.68 -13.39
N SER B 422 -24.00 38.88 -12.32
CA SER B 422 -24.74 39.27 -11.14
C SER B 422 -23.83 40.01 -10.13
N GLN B 423 -22.59 40.30 -10.53
CA GLN B 423 -21.64 41.00 -9.65
C GLN B 423 -21.29 40.15 -8.45
N ARG B 424 -21.29 38.85 -8.64
CA ARG B 424 -21.00 37.93 -7.56
C ARG B 424 -19.72 37.19 -7.85
N LYS B 425 -18.63 37.59 -7.17
CA LYS B 425 -17.30 36.98 -7.34
C LYS B 425 -17.31 35.46 -7.11
N GLU B 426 -18.37 34.96 -6.46
CA GLU B 426 -18.59 33.53 -6.25
C GLU B 426 -18.52 32.74 -7.55
N TYR B 427 -18.74 33.40 -8.69
CA TYR B 427 -18.67 32.77 -9.99
C TYR B 427 -17.36 32.04 -10.18
N VAL B 428 -16.31 32.53 -9.52
CA VAL B 428 -15.02 31.91 -9.63
C VAL B 428 -15.08 30.50 -9.18
N ALA B 429 -15.74 30.27 -8.06
CA ALA B 429 -15.83 28.94 -7.50
C ALA B 429 -16.52 28.00 -8.45
N SER B 430 -17.65 28.45 -8.99
CA SER B 430 -18.40 27.64 -9.93
C SER B 430 -17.57 27.32 -11.13
N MET B 431 -16.92 28.33 -11.68
CA MET B 431 -16.04 28.20 -12.80
C MET B 431 -14.97 27.17 -12.54
N VAL B 432 -14.35 27.26 -11.39
CA VAL B 432 -13.32 26.32 -10.98
C VAL B 432 -13.83 24.90 -11.00
N PHE B 433 -15.04 24.69 -10.52
CA PHE B 433 -15.59 23.36 -10.54
C PHE B 433 -15.76 22.86 -11.96
N SER B 434 -16.19 23.76 -12.84
CA SER B 434 -16.35 23.41 -14.25
C SER B 434 -15.01 22.98 -14.82
N LEU B 435 -13.98 23.75 -14.50
CA LEU B 435 -12.64 23.50 -14.97
C LEU B 435 -12.18 22.11 -14.57
N ALA B 436 -12.30 21.80 -13.29
CA ALA B 436 -11.89 20.51 -12.77
C ALA B 436 -12.68 19.40 -13.42
N MET B 437 -13.97 19.61 -13.59
CA MET B 437 -14.83 18.64 -14.23
C MET B 437 -14.33 18.29 -15.60
N GLY B 438 -13.92 19.30 -16.35
CA GLY B 438 -13.43 19.09 -17.69
C GLY B 438 -12.19 18.24 -17.71
N TRP B 439 -11.27 18.52 -16.81
CA TRP B 439 -10.06 17.76 -16.77
C TRP B 439 -10.33 16.32 -16.38
N THR B 440 -11.33 16.11 -15.56
CA THR B 440 -11.76 14.76 -15.25
C THR B 440 -12.36 14.13 -16.49
N ASN B 441 -13.18 14.89 -17.20
CA ASN B 441 -13.89 14.42 -18.36
C ASN B 441 -12.97 14.11 -19.53
N MET B 442 -11.72 14.57 -19.47
CA MET B 442 -10.73 14.18 -20.46
C MET B 442 -10.66 12.67 -20.63
N LEU B 443 -10.91 11.94 -19.55
CA LEU B 443 -10.82 10.50 -19.54
C LEU B 443 -11.85 9.85 -20.43
N TYR B 444 -12.89 10.59 -20.75
CA TYR B 444 -13.91 10.12 -21.65
C TYR B 444 -13.30 9.58 -22.92
N TYR B 445 -12.29 10.25 -23.43
CA TYR B 445 -11.76 9.94 -24.72
C TYR B 445 -10.77 8.80 -24.71
N THR B 446 -10.53 8.21 -23.54
CA THR B 446 -9.67 7.06 -23.45
C THR B 446 -10.35 5.86 -24.07
N ARG B 447 -11.66 5.95 -24.25
CA ARG B 447 -12.46 4.92 -24.86
C ARG B 447 -12.03 4.57 -26.28
N GLY B 448 -11.21 5.43 -26.90
CA GLY B 448 -10.74 5.15 -28.24
C GLY B 448 -9.53 4.22 -28.26
N PHE B 449 -9.05 3.80 -27.09
CA PHE B 449 -7.87 2.96 -27.02
C PHE B 449 -8.14 1.71 -26.23
N GLN B 450 -7.83 0.56 -26.83
CA GLN B 450 -8.06 -0.72 -26.17
C GLN B 450 -7.01 -1.00 -25.14
N GLN B 451 -7.07 -0.24 -24.05
CA GLN B 451 -6.14 -0.35 -22.95
C GLN B 451 -6.33 0.82 -22.03
N MET B 452 -6.44 2.02 -22.61
CA MET B 452 -6.64 3.20 -21.83
C MET B 452 -8.07 3.27 -21.43
N GLY B 453 -8.95 2.98 -22.38
CA GLY B 453 -10.36 2.97 -22.12
C GLY B 453 -10.70 1.84 -21.18
N ILE B 454 -10.03 0.71 -21.36
CA ILE B 454 -10.22 -0.43 -20.50
C ILE B 454 -9.84 -0.07 -19.10
N TYR B 455 -8.71 0.61 -18.97
CA TYR B 455 -8.25 1.08 -17.70
C TYR B 455 -9.26 2.00 -17.06
N ALA B 456 -9.82 2.90 -17.85
CA ALA B 456 -10.84 3.81 -17.37
C ALA B 456 -12.05 3.04 -16.86
N VAL B 457 -12.41 1.97 -17.57
CA VAL B 457 -13.52 1.13 -17.12
C VAL B 457 -13.21 0.53 -15.78
N MET B 458 -11.98 0.07 -15.62
CA MET B 458 -11.58 -0.50 -14.36
C MET B 458 -11.76 0.53 -13.27
N ILE B 459 -11.39 1.76 -13.57
CA ILE B 459 -11.49 2.83 -12.63
C ILE B 459 -12.91 3.09 -12.20
N GLU B 460 -13.78 3.33 -13.17
CA GLU B 460 -15.16 3.69 -12.84
C GLU B 460 -15.87 2.61 -12.07
N LYS B 461 -15.50 1.37 -12.28
CA LYS B 461 -16.18 0.30 -11.60
C LYS B 461 -15.72 0.19 -10.19
N MET B 462 -14.45 0.39 -9.98
CA MET B 462 -13.90 0.31 -8.67
C MET B 462 -14.41 1.45 -7.81
N ILE B 463 -14.63 2.60 -8.44
CA ILE B 463 -15.23 3.74 -7.78
C ILE B 463 -16.64 3.44 -7.34
N LEU B 464 -17.44 3.00 -8.29
CA LEU B 464 -18.84 2.73 -8.06
C LEU B 464 -19.03 1.60 -7.07
N ARG B 465 -18.05 0.74 -6.97
CA ARG B 465 -18.12 -0.37 -6.06
C ARG B 465 -17.32 -0.12 -4.80
N ASP B 466 -16.04 -0.46 -4.85
CA ASP B 466 -15.18 -0.47 -3.69
C ASP B 466 -15.00 0.87 -3.03
N LEU B 467 -14.80 1.92 -3.81
CA LEU B 467 -14.50 3.21 -3.23
C LEU B 467 -15.64 3.72 -2.40
N CYS B 468 -16.83 3.75 -2.97
CA CYS B 468 -17.97 4.24 -2.23
C CYS B 468 -18.32 3.31 -1.07
N ARG B 469 -18.03 2.02 -1.24
CA ARG B 469 -18.23 1.06 -0.17
C ARG B 469 -17.35 1.40 1.00
N PHE B 470 -16.11 1.67 0.71
CA PHE B 470 -15.15 2.08 1.68
C PHE B 470 -15.56 3.34 2.38
N MET B 471 -15.88 4.37 1.59
CA MET B 471 -16.19 5.67 2.14
C MET B 471 -17.35 5.62 3.07
N PHE B 472 -18.32 4.79 2.75
CA PHE B 472 -19.47 4.62 3.60
C PHE B 472 -19.08 4.35 5.05
N VAL B 473 -18.03 3.57 5.24
CA VAL B 473 -17.60 3.19 6.57
C VAL B 473 -16.54 4.12 7.09
N TYR B 474 -15.66 4.53 6.20
CA TYR B 474 -14.60 5.44 6.52
C TYR B 474 -15.12 6.65 7.22
N LEU B 475 -16.15 7.22 6.64
CA LEU B 475 -16.75 8.42 7.15
C LEU B 475 -17.39 8.20 8.49
N VAL B 476 -17.93 7.02 8.72
CA VAL B 476 -18.52 6.69 10.00
C VAL B 476 -17.51 6.81 11.08
N PHE B 477 -16.34 6.24 10.85
CA PHE B 477 -15.29 6.28 11.85
C PHE B 477 -14.71 7.65 11.96
N LEU B 478 -14.54 8.31 10.83
CA LEU B 478 -14.00 9.65 10.83
C LEU B 478 -14.83 10.53 11.69
N PHE B 479 -16.11 10.52 11.43
CA PHE B 479 -17.04 11.34 12.15
C PHE B 479 -17.09 10.96 13.60
N GLY B 480 -17.26 9.67 13.86
CA GLY B 480 -17.42 9.20 15.21
C GLY B 480 -16.26 9.61 16.08
N PHE B 481 -15.05 9.34 15.61
CA PHE B 481 -13.88 9.67 16.37
C PHE B 481 -13.68 11.15 16.51
N SER B 482 -14.07 11.90 15.49
CA SER B 482 -13.87 13.34 15.56
C SER B 482 -14.72 13.94 16.66
N THR B 483 -15.90 13.41 16.85
CA THR B 483 -16.78 13.93 17.88
C THR B 483 -16.29 13.51 19.23
N ALA B 484 -15.70 12.33 19.30
CA ALA B 484 -15.14 11.82 20.52
C ALA B 484 -14.03 12.73 20.98
N VAL B 485 -13.14 13.06 20.07
CA VAL B 485 -12.02 13.90 20.37
C VAL B 485 -12.46 15.29 20.74
N VAL B 486 -13.36 15.88 19.95
CA VAL B 486 -13.87 17.20 20.24
C VAL B 486 -14.43 17.30 21.61
N THR B 487 -15.15 16.29 22.02
CA THR B 487 -15.71 16.27 23.34
C THR B 487 -14.63 16.49 24.38
N LEU B 488 -13.50 15.83 24.22
CA LEU B 488 -12.39 16.00 25.13
C LEU B 488 -11.76 17.37 25.02
N ILE B 489 -11.74 17.92 23.82
CA ILE B 489 -11.08 19.19 23.57
C ILE B 489 -11.75 20.36 24.26
N GLU B 490 -10.93 21.19 24.90
CA GLU B 490 -11.40 22.39 25.58
C GLU B 490 -11.50 23.56 24.61
N ASP B 491 -10.49 23.71 23.75
CA ASP B 491 -10.47 24.76 22.74
C ASP B 491 -9.36 24.51 21.71
N GLY B 492 -8.33 25.37 21.71
CA GLY B 492 -7.18 25.23 20.82
C GLY B 492 -7.55 25.37 19.33
N LYS B 493 -8.74 25.87 19.05
CA LYS B 493 -9.26 25.95 17.68
C LYS B 493 -9.56 24.56 17.11
N TYR B 494 -9.61 23.56 17.98
CA TYR B 494 -9.91 22.22 17.58
C TYR B 494 -11.25 21.81 18.11
N ASN B 495 -11.73 22.53 19.13
CA ASN B 495 -13.08 22.33 19.63
C ASN B 495 -14.10 22.42 18.48
N SER B 496 -13.78 23.19 17.45
CA SER B 496 -14.57 23.23 16.24
C SER B 496 -14.44 21.91 15.52
N LEU B 497 -15.51 21.16 15.50
CA LEU B 497 -15.55 19.85 14.88
C LEU B 497 -14.91 19.81 13.53
N TYR B 498 -15.17 20.84 12.75
CA TYR B 498 -14.62 20.96 11.42
C TYR B 498 -13.12 20.76 11.39
N SER B 499 -12.41 21.42 12.28
CA SER B 499 -10.97 21.35 12.25
C SER B 499 -10.48 20.02 12.81
N THR B 500 -11.17 19.51 13.81
CA THR B 500 -10.77 18.22 14.38
C THR B 500 -10.90 17.11 13.40
N CYS B 501 -11.99 17.08 12.64
CA CYS B 501 -12.18 16.01 11.70
C CYS B 501 -11.14 16.07 10.62
N LEU B 502 -10.65 17.27 10.32
CA LEU B 502 -9.57 17.41 9.37
C LEU B 502 -8.30 16.85 9.96
N GLU B 503 -8.10 17.05 11.25
CA GLU B 503 -6.91 16.53 11.89
C GLU B 503 -6.89 15.03 11.85
N LEU B 504 -8.06 14.42 11.98
CA LEU B 504 -8.12 12.98 11.87
C LEU B 504 -7.93 12.54 10.45
N PHE B 505 -8.51 13.27 9.53
CA PHE B 505 -8.37 12.99 8.12
C PHE B 505 -6.90 12.92 7.72
N LYS B 506 -6.12 13.83 8.29
CA LYS B 506 -4.69 13.91 8.02
C LYS B 506 -3.95 12.60 8.30
N PHE B 507 -4.44 11.79 9.22
CA PHE B 507 -3.77 10.54 9.54
C PHE B 507 -3.84 9.59 8.39
N THR B 508 -4.85 9.72 7.57
CA THR B 508 -5.05 8.78 6.50
C THR B 508 -4.32 9.23 5.25
N ILE B 509 -4.04 10.53 5.15
CA ILE B 509 -3.22 10.99 4.04
C ILE B 509 -1.76 10.81 4.37
N GLY B 510 -1.45 10.67 5.67
CA GLY B 510 -0.08 10.40 6.08
C GLY B 510 0.55 11.55 6.86
N MET B 511 -0.24 12.55 7.20
CA MET B 511 0.29 13.69 7.94
C MET B 511 -0.51 13.98 9.18
N GLY B 512 -0.93 12.95 9.88
CA GLY B 512 -1.69 13.15 11.09
C GLY B 512 -0.77 13.28 12.29
N ASP B 513 -0.99 14.34 13.07
CA ASP B 513 -0.16 14.61 14.23
C ASP B 513 -0.81 14.12 15.51
N LEU B 514 -0.19 13.14 16.14
CA LEU B 514 -0.70 12.57 17.39
C LEU B 514 -0.76 13.60 18.51
N GLU B 515 0.04 14.65 18.41
CA GLU B 515 0.09 15.65 19.44
C GLU B 515 -0.45 16.98 18.98
N PHE B 516 -1.39 16.94 18.04
CA PHE B 516 -1.93 18.18 17.47
C PHE B 516 -2.51 19.16 18.51
N THR B 517 -2.88 18.67 19.69
CA THR B 517 -3.38 19.56 20.74
C THR B 517 -3.14 19.01 22.12
N GLU B 518 -3.24 19.91 23.11
CA GLU B 518 -3.08 19.58 24.52
C GLU B 518 -4.27 20.04 25.34
N ASN B 519 -5.31 20.54 24.67
CA ASN B 519 -6.47 21.10 25.34
C ASN B 519 -7.41 20.03 25.88
N TYR B 520 -6.98 19.36 26.94
CA TYR B 520 -7.77 18.31 27.56
C TYR B 520 -7.16 17.87 28.86
N ASP B 521 -7.96 17.25 29.70
CA ASP B 521 -7.49 16.75 30.98
C ASP B 521 -7.26 15.24 30.93
N PHE B 522 -7.45 14.64 29.76
CA PHE B 522 -7.36 13.21 29.65
C PHE B 522 -6.42 12.81 28.55
N LYS B 523 -5.14 13.06 28.75
CA LYS B 523 -4.11 12.76 27.78
C LYS B 523 -4.13 11.33 27.33
N ALA B 524 -4.16 10.42 28.28
CA ALA B 524 -4.14 9.01 27.97
C ALA B 524 -5.27 8.65 27.05
N VAL B 525 -6.48 9.07 27.43
CA VAL B 525 -7.67 8.80 26.65
C VAL B 525 -7.58 9.37 25.27
N PHE B 526 -7.12 10.61 25.20
CA PHE B 526 -6.94 11.30 23.96
C PHE B 526 -6.10 10.47 23.01
N ILE B 527 -4.98 9.97 23.51
CA ILE B 527 -4.09 9.18 22.72
C ILE B 527 -4.72 7.86 22.33
N ILE B 528 -5.43 7.24 23.26
CA ILE B 528 -6.10 5.99 22.99
C ILE B 528 -7.02 6.08 21.81
N LEU B 529 -7.80 7.15 21.78
CA LEU B 529 -8.74 7.35 20.71
C LEU B 529 -8.03 7.49 19.40
N LEU B 530 -6.93 8.22 19.40
CA LEU B 530 -6.18 8.42 18.19
C LEU B 530 -5.64 7.12 17.69
N LEU B 531 -5.15 6.31 18.59
CA LEU B 531 -4.57 5.03 18.22
C LEU B 531 -5.59 4.13 17.62
N ALA B 532 -6.78 4.13 18.20
CA ALA B 532 -7.85 3.32 17.69
C ALA B 532 -8.21 3.75 16.29
N TYR B 533 -8.33 5.05 16.10
CA TYR B 533 -8.66 5.60 14.81
C TYR B 533 -7.64 5.19 13.77
N VAL B 534 -6.36 5.34 14.11
CA VAL B 534 -5.32 4.97 13.19
C VAL B 534 -5.38 3.52 12.83
N ILE B 535 -5.41 2.67 13.82
CA ILE B 535 -5.41 1.25 13.58
C ILE B 535 -6.58 0.80 12.77
N LEU B 536 -7.75 1.29 13.12
CA LEU B 536 -8.94 0.86 12.44
C LEU B 536 -9.05 1.44 11.07
N THR B 537 -8.72 2.70 10.93
CA THR B 537 -8.90 3.36 9.68
C THR B 537 -7.66 3.34 8.84
N TYR B 538 -6.60 3.93 9.37
CA TYR B 538 -5.38 4.07 8.59
C TYR B 538 -4.77 2.74 8.24
N ILE B 539 -4.66 1.86 9.21
CA ILE B 539 -4.05 0.59 8.94
C ILE B 539 -5.03 -0.35 8.32
N LEU B 540 -5.97 -0.80 9.12
CA LEU B 540 -6.90 -1.82 8.72
C LEU B 540 -7.68 -1.52 7.45
N LEU B 541 -8.53 -0.50 7.50
CA LEU B 541 -9.44 -0.26 6.40
C LEU B 541 -8.76 0.12 5.11
N LEU B 542 -7.75 0.96 5.16
CA LEU B 542 -7.07 1.34 3.92
C LEU B 542 -6.43 0.16 3.26
N GLN B 543 -5.82 -0.70 4.05
CA GLN B 543 -5.17 -1.87 3.50
C GLN B 543 -6.20 -2.85 3.00
N MET B 544 -7.31 -2.96 3.72
CA MET B 544 -8.38 -3.83 3.33
C MET B 544 -8.90 -3.43 2.01
N LEU B 545 -9.06 -2.13 1.83
CA LEU B 545 -9.50 -1.61 0.59
C LEU B 545 -8.63 -2.09 -0.53
N ILE B 546 -7.32 -1.96 -0.37
CA ILE B 546 -6.39 -2.43 -1.38
C ILE B 546 -6.63 -3.88 -1.71
N ALA B 547 -6.79 -4.70 -0.68
CA ALA B 547 -7.01 -6.12 -0.84
C ALA B 547 -8.24 -6.39 -1.68
N LEU B 548 -9.33 -5.72 -1.34
CA LEU B 548 -10.58 -5.92 -2.03
C LEU B 548 -10.49 -5.45 -3.45
N MET B 549 -9.77 -4.36 -3.66
CA MET B 549 -9.57 -3.83 -4.97
C MET B 549 -8.87 -4.84 -5.85
N GLY B 550 -7.88 -5.52 -5.30
CA GLY B 550 -7.17 -6.58 -6.03
C GLY B 550 -8.13 -7.65 -6.47
N GLU B 551 -9.03 -8.04 -5.59
CA GLU B 551 -10.00 -9.05 -5.92
C GLU B 551 -10.98 -8.58 -6.95
N THR B 552 -11.39 -7.33 -6.85
CA THR B 552 -12.30 -6.76 -7.82
C THR B 552 -11.69 -6.79 -9.20
N VAL B 553 -10.39 -6.48 -9.28
CA VAL B 553 -9.67 -6.56 -10.52
C VAL B 553 -9.74 -7.94 -11.11
N ASN B 554 -9.55 -8.94 -10.26
CA ASN B 554 -9.62 -10.32 -10.68
C ASN B 554 -10.98 -10.64 -11.25
N LYS B 555 -12.01 -10.19 -10.56
CA LYS B 555 -13.38 -10.47 -10.96
C LYS B 555 -13.75 -9.81 -12.26
N ILE B 556 -13.22 -8.62 -12.51
CA ILE B 556 -13.58 -7.90 -13.71
C ILE B 556 -12.74 -8.38 -14.89
N ALA B 557 -11.54 -7.82 -15.02
CA ALA B 557 -10.64 -8.18 -16.10
C ALA B 557 -11.36 -8.17 -17.46
N GLN B 558 -11.85 -9.35 -17.87
CA GLN B 558 -12.52 -9.52 -19.15
C GLN B 558 -13.74 -8.66 -19.27
N GLU B 559 -14.42 -8.45 -18.17
CA GLU B 559 -15.62 -7.70 -18.19
C GLU B 559 -15.37 -6.27 -18.57
N SER B 560 -14.25 -5.72 -18.14
CA SER B 560 -13.93 -4.35 -18.49
C SER B 560 -13.68 -4.25 -19.96
N LYS B 561 -13.09 -5.29 -20.52
CA LYS B 561 -12.84 -5.33 -21.95
C LYS B 561 -14.15 -5.38 -22.70
N ASN B 562 -15.08 -6.18 -22.21
CA ASN B 562 -16.39 -6.29 -22.81
C ASN B 562 -17.06 -4.94 -22.83
N ILE B 563 -17.02 -4.28 -21.68
CA ILE B 563 -17.61 -2.98 -21.53
C ILE B 563 -16.98 -2.00 -22.45
N TRP B 564 -15.67 -2.00 -22.52
CA TRP B 564 -14.95 -1.10 -23.38
C TRP B 564 -15.41 -1.21 -24.80
N LYS B 565 -15.60 -2.45 -25.27
CA LYS B 565 -16.04 -2.64 -26.63
C LYS B 565 -17.39 -2.02 -26.84
N LEU B 566 -18.27 -2.18 -25.87
CA LEU B 566 -19.57 -1.55 -25.93
C LEU B 566 -19.46 -0.06 -25.96
N GLN B 567 -18.63 0.47 -25.08
CA GLN B 567 -18.42 1.89 -24.98
C GLN B 567 -18.03 2.45 -26.32
N ARG B 568 -17.12 1.77 -27.01
CA ARG B 568 -16.66 2.20 -28.30
C ARG B 568 -17.77 2.11 -29.31
N ALA B 569 -18.49 0.99 -29.29
CA ALA B 569 -19.60 0.76 -30.22
C ALA B 569 -20.60 1.87 -30.16
N ILE B 570 -20.93 2.30 -28.95
CA ILE B 570 -21.87 3.37 -28.75
C ILE B 570 -21.37 4.61 -29.42
N THR B 571 -20.10 4.92 -29.20
CA THR B 571 -19.47 6.07 -29.82
C THR B 571 -19.58 5.99 -31.32
N ILE B 572 -19.33 4.81 -31.87
CA ILE B 572 -19.41 4.59 -33.30
C ILE B 572 -20.78 4.92 -33.84
N LEU B 573 -21.81 4.44 -33.16
CA LEU B 573 -23.16 4.66 -33.61
C LEU B 573 -23.52 6.11 -33.59
N ASP B 574 -23.13 6.78 -32.52
CA ASP B 574 -23.40 8.17 -32.37
C ASP B 574 -22.66 8.97 -33.40
N THR B 575 -21.45 8.52 -33.73
CA THR B 575 -20.65 9.17 -34.73
C THR B 575 -21.38 9.21 -36.04
N GLU B 576 -21.85 8.07 -36.49
CA GLU B 576 -22.55 7.99 -37.76
C GLU B 576 -23.84 8.77 -37.73
N LYS B 577 -24.56 8.65 -36.63
CA LYS B 577 -25.85 9.27 -36.48
C LYS B 577 -25.73 10.78 -36.52
N SER B 578 -24.72 11.32 -35.86
CA SER B 578 -24.54 12.75 -35.81
C SER B 578 -23.79 13.28 -37.03
N PHE B 579 -22.88 12.48 -37.57
CA PHE B 579 -22.05 12.94 -38.69
C PHE B 579 -22.74 12.89 -40.03
N LEU B 580 -23.71 13.77 -40.21
CA LEU B 580 -24.34 14.03 -41.51
C LEU B 580 -24.96 12.78 -42.17
N LYS B 581 -25.13 11.69 -41.41
CA LYS B 581 -25.59 10.44 -41.99
C LYS B 581 -24.74 10.05 -43.20
N CYS B 582 -23.43 10.28 -43.08
CA CYS B 582 -22.48 10.01 -44.16
C CYS B 582 -22.60 8.59 -44.72
N MET B 583 -22.56 8.49 -46.04
CA MET B 583 -22.69 7.22 -46.75
C MET B 583 -21.64 6.21 -46.32
N ARG B 584 -22.07 4.96 -46.20
CA ARG B 584 -21.22 3.89 -45.77
C ARG B 584 -21.72 2.56 -46.26
N LYS B 585 -21.00 1.50 -45.91
CA LYS B 585 -21.41 0.14 -46.20
C LYS B 585 -22.53 -0.24 -45.26
N LEU C 271 -1.48 -49.89 15.50
CA LEU C 271 -0.26 -49.31 16.06
C LEU C 271 0.94 -49.58 15.17
N TYR C 272 1.67 -48.53 14.84
CA TYR C 272 2.86 -48.65 14.03
C TYR C 272 4.05 -49.03 14.90
N ASP C 273 5.04 -49.68 14.29
CA ASP C 273 6.22 -50.09 15.02
C ASP C 273 7.14 -48.90 15.24
N LEU C 274 6.83 -48.14 16.28
CA LEU C 274 7.53 -46.90 16.60
C LEU C 274 9.01 -47.09 16.93
N SER C 275 9.41 -48.32 17.28
CA SER C 275 10.80 -48.59 17.63
C SER C 275 11.72 -48.36 16.46
N CYS C 276 11.19 -48.46 15.24
CA CYS C 276 11.97 -48.21 14.04
C CYS C 276 12.43 -46.78 14.03
N ILE C 277 11.51 -45.88 14.36
CA ILE C 277 11.82 -44.47 14.41
C ILE C 277 12.88 -44.19 15.42
N ASP C 278 12.80 -44.88 16.54
CA ASP C 278 13.75 -44.70 17.63
C ASP C 278 15.04 -45.50 17.48
N THR C 279 15.38 -45.97 16.26
CA THR C 279 16.67 -46.66 16.04
C THR C 279 17.84 -45.65 15.97
N CYS C 280 18.03 -44.91 17.06
CA CYS C 280 19.00 -43.85 17.20
C CYS C 280 20.41 -44.37 17.24
N GLU C 281 20.56 -45.67 17.46
CA GLU C 281 21.85 -46.31 17.46
C GLU C 281 22.57 -46.05 16.14
N LYS C 282 21.80 -45.85 15.08
CA LYS C 282 22.35 -45.43 13.81
C LYS C 282 21.98 -43.97 13.60
N ASN C 283 20.67 -43.71 13.65
CA ASN C 283 20.11 -42.38 13.43
C ASN C 283 18.58 -42.49 13.44
N SER C 284 17.93 -41.80 14.38
CA SER C 284 16.47 -41.86 14.43
C SER C 284 15.89 -41.31 13.19
N VAL C 285 14.77 -41.87 12.78
CA VAL C 285 14.08 -41.42 11.59
C VAL C 285 13.79 -39.94 11.68
N LEU C 286 13.42 -39.50 12.87
CA LEU C 286 13.09 -38.11 13.07
C LEU C 286 14.32 -37.26 13.00
N GLU C 287 15.43 -37.78 13.52
CA GLU C 287 16.70 -37.08 13.47
C GLU C 287 17.16 -36.93 12.05
N VAL C 288 16.98 -37.97 11.24
CA VAL C 288 17.33 -37.91 9.83
C VAL C 288 16.67 -36.72 9.19
N ILE C 289 15.39 -36.55 9.47
CA ILE C 289 14.63 -35.46 8.92
C ILE C 289 15.07 -34.12 9.50
N ALA C 290 15.15 -34.07 10.83
CA ALA C 290 15.47 -32.84 11.54
C ALA C 290 16.77 -32.22 11.11
N TYR C 291 17.77 -33.05 10.91
CA TYR C 291 19.07 -32.56 10.58
C TYR C 291 19.37 -32.74 9.11
N SER C 292 18.31 -32.89 8.32
CA SER C 292 18.46 -33.08 6.89
C SER C 292 19.00 -31.84 6.22
N SER C 293 19.90 -32.05 5.27
CA SER C 293 20.45 -30.98 4.48
C SER C 293 19.38 -30.23 3.78
N SER C 294 19.59 -28.92 3.62
CA SER C 294 18.66 -28.06 2.91
C SER C 294 18.46 -28.53 1.47
N GLU C 295 19.43 -29.29 0.95
CA GLU C 295 19.38 -29.81 -0.40
C GLU C 295 18.33 -30.91 -0.59
N THR C 296 17.94 -31.58 0.51
CA THR C 296 16.99 -32.68 0.44
C THR C 296 15.64 -32.22 -0.14
N PRO C 297 15.14 -32.90 -1.20
CA PRO C 297 13.92 -32.56 -1.90
C PRO C 297 12.70 -32.69 -1.01
N ASN C 298 12.68 -33.73 -0.20
CA ASN C 298 11.56 -34.00 0.67
C ASN C 298 11.82 -33.54 2.08
N ARG C 299 12.80 -32.66 2.27
CA ARG C 299 13.20 -32.20 3.60
C ARG C 299 12.01 -31.90 4.49
N HIS C 300 10.96 -31.31 3.90
CA HIS C 300 9.78 -30.95 4.64
C HIS C 300 8.69 -31.99 4.44
N ASP C 301 8.61 -32.52 3.22
CA ASP C 301 7.56 -33.46 2.81
C ASP C 301 7.61 -34.78 3.57
N MET C 302 8.77 -35.16 4.06
CA MET C 302 8.93 -36.39 4.81
C MET C 302 8.00 -36.45 6.03
N LEU C 303 7.66 -35.29 6.59
CA LEU C 303 6.81 -35.27 7.77
C LEU C 303 5.33 -35.34 7.45
N LEU C 304 5.00 -35.64 6.20
CA LEU C 304 3.63 -35.82 5.83
C LEU C 304 3.18 -37.24 6.17
N VAL C 305 4.12 -38.09 6.58
CA VAL C 305 3.80 -39.46 7.00
C VAL C 305 2.93 -39.47 8.24
N GLU C 306 1.82 -40.19 8.15
CA GLU C 306 0.84 -40.28 9.23
C GLU C 306 1.41 -40.82 10.55
N PRO C 307 2.33 -41.79 10.49
CA PRO C 307 2.96 -42.30 11.67
C PRO C 307 3.80 -41.26 12.36
N LEU C 308 4.47 -40.43 11.56
CA LEU C 308 5.34 -39.42 12.11
C LEU C 308 4.52 -38.33 12.74
N ASN C 309 3.43 -37.98 12.10
CA ASN C 309 2.56 -36.93 12.58
C ASN C 309 1.85 -37.34 13.83
N ARG C 310 1.34 -38.57 13.83
CA ARG C 310 0.71 -39.14 14.99
C ARG C 310 1.63 -39.03 16.17
N LEU C 311 2.86 -39.50 15.97
CA LEU C 311 3.84 -39.53 17.01
C LEU C 311 4.19 -38.14 17.52
N LEU C 312 4.52 -37.25 16.60
CA LEU C 312 4.96 -35.92 16.98
C LEU C 312 3.89 -35.12 17.67
N GLN C 313 2.65 -35.25 17.19
CA GLN C 313 1.57 -34.53 17.81
C GLN C 313 1.33 -35.04 19.19
N ASP C 314 1.47 -36.36 19.37
CA ASP C 314 1.34 -36.97 20.67
C ASP C 314 2.33 -36.36 21.62
N LYS C 315 3.58 -36.30 21.20
CA LYS C 315 4.65 -35.77 22.02
C LYS C 315 4.37 -34.36 22.44
N TRP C 316 3.97 -33.56 21.47
CA TRP C 316 3.70 -32.16 21.66
C TRP C 316 2.68 -31.96 22.74
N ASP C 317 1.54 -32.60 22.58
CA ASP C 317 0.45 -32.45 23.53
C ASP C 317 0.76 -33.11 24.85
N ARG C 318 1.39 -34.26 24.81
CA ARG C 318 1.66 -35.02 26.00
C ARG C 318 2.50 -34.26 27.00
N PHE C 319 3.52 -33.55 26.53
CA PHE C 319 4.34 -32.83 27.50
C PHE C 319 5.22 -31.74 26.90
N VAL C 320 5.62 -31.90 25.65
CA VAL C 320 6.63 -31.01 25.09
C VAL C 320 6.19 -29.57 25.12
N LYS C 321 4.94 -29.32 24.74
CA LYS C 321 4.44 -27.97 24.69
C LYS C 321 4.44 -27.29 26.04
N ARG C 322 4.40 -28.08 27.11
CA ARG C 322 4.40 -27.52 28.43
C ARG C 322 5.77 -27.02 28.73
N ILE C 323 6.75 -27.86 28.42
CA ILE C 323 8.14 -27.51 28.62
C ILE C 323 8.48 -26.31 27.77
N PHE C 324 7.98 -26.31 26.55
CA PHE C 324 8.20 -25.25 25.61
C PHE C 324 7.67 -23.94 26.13
N TYR C 325 6.44 -23.96 26.63
CA TYR C 325 5.82 -22.75 27.14
C TYR C 325 6.60 -22.23 28.30
N PHE C 326 7.10 -23.13 29.12
CA PHE C 326 7.93 -22.75 30.24
C PHE C 326 9.17 -22.04 29.78
N ASN C 327 9.86 -22.61 28.81
CA ASN C 327 11.08 -22.02 28.29
C ASN C 327 10.82 -20.64 27.76
N PHE C 328 9.71 -20.50 27.04
CA PHE C 328 9.30 -19.21 26.54
C PHE C 328 9.11 -18.22 27.64
N PHE C 329 8.39 -18.64 28.65
CA PHE C 329 8.11 -17.81 29.79
C PHE C 329 9.39 -17.31 30.41
N VAL C 330 10.33 -18.21 30.60
CA VAL C 330 11.61 -17.85 31.14
C VAL C 330 12.31 -16.82 30.30
N TYR C 331 12.26 -17.02 28.98
CA TYR C 331 12.92 -16.12 28.08
C TYR C 331 12.33 -14.73 28.13
N CYS C 332 11.01 -14.64 28.17
CA CYS C 332 10.40 -13.33 28.17
C CYS C 332 10.70 -12.62 29.47
N LEU C 333 10.93 -13.37 30.55
CA LEU C 333 11.34 -12.78 31.79
C LEU C 333 12.71 -12.22 31.65
N TYR C 334 13.59 -13.00 31.02
CA TYR C 334 14.93 -12.58 30.75
C TYR C 334 14.95 -11.24 30.05
N MET C 335 14.11 -11.11 29.05
CA MET C 335 14.09 -9.91 28.26
C MET C 335 13.66 -8.69 29.03
N ILE C 336 12.65 -8.82 29.88
CA ILE C 336 12.18 -7.67 30.62
C ILE C 336 13.15 -7.30 31.73
N ILE C 337 13.90 -8.28 32.22
CA ILE C 337 14.92 -8.03 33.21
C ILE C 337 16.03 -7.23 32.59
N PHE C 338 16.46 -7.68 31.43
CA PHE C 338 17.50 -7.03 30.69
C PHE C 338 17.09 -5.63 30.31
N THR C 339 15.85 -5.50 29.87
CA THR C 339 15.31 -4.23 29.48
C THR C 339 15.40 -3.23 30.61
N ALA C 340 14.94 -3.64 31.78
CA ALA C 340 14.94 -2.76 32.94
C ALA C 340 16.35 -2.34 33.30
N ALA C 341 17.28 -3.30 33.28
CA ALA C 341 18.67 -3.02 33.61
C ALA C 341 19.20 -1.90 32.75
N ALA C 342 18.93 -1.98 31.46
CA ALA C 342 19.37 -0.95 30.54
C ALA C 342 18.64 0.36 30.78
N TYR C 343 17.33 0.27 31.00
CA TYR C 343 16.49 1.45 31.17
C TYR C 343 16.98 2.32 32.32
N TYR C 344 17.37 1.68 33.43
CA TYR C 344 17.83 2.41 34.60
C TYR C 344 19.34 2.40 34.74
N ARG C 345 20.04 2.28 33.61
CA ARG C 345 21.49 2.22 33.65
C ARG C 345 22.12 3.62 33.78
N PRO C 346 22.88 3.86 34.86
CA PRO C 346 23.58 5.09 35.15
C PRO C 346 24.71 5.31 34.18
N VAL C 347 24.37 5.75 32.99
CA VAL C 347 25.35 5.99 31.94
C VAL C 347 26.29 7.16 32.26
N GLU C 348 25.95 7.97 33.26
CA GLU C 348 26.77 9.09 33.67
C GLU C 348 28.16 8.65 34.11
N GLY C 349 29.18 9.08 33.37
CA GLY C 349 30.57 8.76 33.68
C GLY C 349 31.09 7.64 32.81
N LEU C 350 32.04 6.88 33.32
CA LEU C 350 32.59 5.74 32.62
C LEU C 350 32.50 4.48 33.46
N PRO C 351 32.28 3.34 32.84
CA PRO C 351 32.14 2.05 33.42
C PRO C 351 33.49 1.52 33.84
N PRO C 352 33.51 0.57 34.75
CA PRO C 352 32.43 0.03 35.50
C PRO C 352 31.95 1.04 36.52
N TYR C 353 30.68 0.96 36.86
CA TYR C 353 30.11 1.92 37.78
C TYR C 353 30.04 1.34 39.18
N LYS C 354 30.19 2.19 40.18
CA LYS C 354 30.16 1.76 41.57
C LYS C 354 28.78 1.83 42.14
N LEU C 355 28.32 0.69 42.66
CA LEU C 355 27.02 0.61 43.28
C LEU C 355 27.00 1.36 44.58
N LYS C 356 25.85 1.94 44.89
CA LYS C 356 25.67 2.60 46.16
C LYS C 356 24.70 1.79 46.98
N ASN C 357 24.60 2.10 48.26
CA ASN C 357 23.73 1.33 49.15
C ASN C 357 22.26 1.70 48.99
N THR C 358 21.68 1.34 47.84
CA THR C 358 20.27 1.58 47.61
C THR C 358 19.63 0.34 47.01
N VAL C 359 18.32 0.26 47.15
CA VAL C 359 17.56 -0.85 46.61
C VAL C 359 17.61 -0.86 45.10
N GLY C 360 17.52 0.32 44.50
CA GLY C 360 17.57 0.45 43.06
C GLY C 360 18.89 -0.06 42.50
N ASP C 361 19.98 0.28 43.17
CA ASP C 361 21.31 -0.18 42.74
C ASP C 361 21.39 -1.68 42.83
N TYR C 362 20.88 -2.22 43.93
CA TYR C 362 20.84 -3.65 44.11
C TYR C 362 20.07 -4.33 42.99
N PHE C 363 18.89 -3.79 42.67
CA PHE C 363 18.08 -4.36 41.62
C PHE C 363 18.75 -4.25 40.28
N ARG C 364 19.44 -3.15 40.03
CA ARG C 364 20.10 -2.96 38.77
C ARG C 364 21.14 -3.99 38.52
N VAL C 365 22.07 -4.12 39.46
CA VAL C 365 23.15 -5.06 39.30
C VAL C 365 22.64 -6.48 39.29
N THR C 366 21.53 -6.73 39.98
CA THR C 366 20.94 -8.04 39.96
C THR C 366 20.53 -8.38 38.56
N GLY C 367 19.79 -7.48 37.93
CA GLY C 367 19.34 -7.68 36.57
C GLY C 367 20.51 -7.73 35.61
N GLU C 368 21.52 -6.89 35.85
CA GLU C 368 22.71 -6.85 35.01
C GLU C 368 23.38 -8.19 34.96
N ILE C 369 23.60 -8.76 36.13
CA ILE C 369 24.22 -10.05 36.25
C ILE C 369 23.40 -11.11 35.56
N LEU C 370 22.09 -11.08 35.78
CA LEU C 370 21.20 -12.03 35.18
C LEU C 370 21.21 -11.92 33.68
N SER C 371 21.32 -10.69 33.18
CA SER C 371 21.35 -10.44 31.77
C SER C 371 22.55 -11.10 31.15
N VAL C 372 23.70 -10.91 31.78
CA VAL C 372 24.92 -11.48 31.30
C VAL C 372 24.86 -12.99 31.35
N SER C 373 24.33 -13.51 32.45
CA SER C 373 24.21 -14.93 32.64
C SER C 373 23.44 -15.59 31.52
N GLY C 374 22.27 -15.04 31.21
CA GLY C 374 21.45 -15.59 30.15
C GLY C 374 22.15 -15.49 28.81
N GLY C 375 22.90 -14.39 28.62
CA GLY C 375 23.68 -14.23 27.41
C GLY C 375 24.66 -15.38 27.28
N VAL C 376 25.41 -15.65 28.34
CA VAL C 376 26.37 -16.73 28.36
C VAL C 376 25.71 -18.06 28.08
N TYR C 377 24.54 -18.26 28.67
CA TYR C 377 23.76 -19.46 28.45
C TYR C 377 23.51 -19.71 26.97
N PHE C 378 23.00 -18.70 26.28
CA PHE C 378 22.71 -18.84 24.87
C PHE C 378 23.97 -18.96 24.06
N PHE C 379 25.00 -18.25 24.48
CA PHE C 379 26.28 -18.30 23.83
C PHE C 379 26.81 -19.69 23.84
N PHE C 380 26.84 -20.28 25.02
CA PHE C 380 27.35 -21.59 25.21
C PHE C 380 26.57 -22.61 24.42
N ARG C 381 25.25 -22.48 24.40
CA ARG C 381 24.44 -23.37 23.61
C ARG C 381 24.79 -23.28 22.14
N GLY C 382 25.03 -22.07 21.66
CA GLY C 382 25.45 -21.87 20.29
C GLY C 382 26.75 -22.59 20.05
N ILE C 383 27.66 -22.50 21.02
CA ILE C 383 28.93 -23.18 20.94
C ILE C 383 28.73 -24.68 20.88
N GLN C 384 27.80 -25.19 21.67
CA GLN C 384 27.50 -26.61 21.67
C GLN C 384 27.06 -27.05 20.30
N TYR C 385 26.24 -26.23 19.66
CA TYR C 385 25.76 -26.53 18.35
C TYR C 385 26.90 -26.54 17.38
N PHE C 386 27.85 -25.63 17.57
CA PHE C 386 29.02 -25.58 16.73
C PHE C 386 29.91 -26.79 16.95
N LEU C 387 29.94 -27.29 18.19
CA LEU C 387 30.70 -28.49 18.50
C LEU C 387 30.10 -29.67 17.76
N GLN C 388 28.78 -29.67 17.61
CA GLN C 388 28.08 -30.70 16.87
C GLN C 388 28.00 -30.30 15.40
N ARG C 389 27.03 -29.47 15.09
CA ARG C 389 26.84 -28.98 13.76
C ARG C 389 27.77 -27.81 13.54
N ARG C 390 28.99 -28.12 13.11
CA ARG C 390 30.03 -27.12 12.90
C ARG C 390 29.50 -25.92 12.12
N PRO C 391 30.02 -24.71 12.41
CA PRO C 391 29.63 -23.43 11.85
C PRO C 391 29.85 -23.38 10.34
N SER C 392 30.79 -24.19 9.84
CA SER C 392 31.02 -24.33 8.42
C SER C 392 29.79 -24.96 7.74
N LEU C 393 29.03 -25.72 8.53
CA LEU C 393 27.82 -26.35 8.06
C LEU C 393 26.66 -25.41 8.31
N LYS C 394 26.66 -24.77 9.47
CA LYS C 394 25.57 -23.89 9.91
C LYS C 394 25.36 -22.75 8.93
N SER C 395 26.45 -22.23 8.38
CA SER C 395 26.40 -21.14 7.40
C SER C 395 25.65 -21.56 6.12
N LEU C 396 25.52 -22.86 5.91
CA LEU C 396 24.87 -23.38 4.72
C LEU C 396 23.37 -23.57 4.96
N PHE C 397 22.93 -23.41 6.21
CA PHE C 397 21.53 -23.58 6.56
C PHE C 397 20.89 -22.28 6.89
N VAL C 398 20.33 -21.60 5.90
CA VAL C 398 19.59 -20.39 6.16
C VAL C 398 18.19 -20.78 6.66
N ASP C 399 18.18 -21.24 7.90
CA ASP C 399 17.04 -21.78 8.61
C ASP C 399 17.48 -22.01 10.02
N SER C 400 18.74 -22.48 10.15
CA SER C 400 19.39 -22.69 11.43
C SER C 400 19.76 -21.34 12.03
N TYR C 401 19.63 -20.28 11.24
CA TYR C 401 19.87 -18.94 11.68
C TYR C 401 19.03 -18.62 12.91
N SER C 402 17.88 -19.31 13.06
CA SER C 402 17.03 -19.10 14.22
C SER C 402 17.80 -19.36 15.52
N GLU C 403 18.82 -20.21 15.45
CA GLU C 403 19.68 -20.48 16.59
C GLU C 403 20.79 -19.45 16.61
N ILE C 404 21.35 -19.19 15.43
CA ILE C 404 22.47 -18.27 15.29
C ILE C 404 22.15 -16.92 15.87
N LEU C 405 20.93 -16.47 15.67
CA LEU C 405 20.52 -15.18 16.17
C LEU C 405 20.70 -15.07 17.67
N PHE C 406 20.48 -16.16 18.40
CA PHE C 406 20.65 -16.13 19.83
C PHE C 406 22.11 -16.02 20.15
N PHE C 407 22.92 -16.67 19.33
CA PHE C 407 24.34 -16.62 19.49
C PHE C 407 24.83 -15.21 19.29
N VAL C 408 24.34 -14.55 18.25
CA VAL C 408 24.70 -13.19 17.95
C VAL C 408 24.26 -12.25 19.04
N GLN C 409 23.05 -12.48 19.53
CA GLN C 409 22.51 -11.72 20.63
C GLN C 409 23.45 -11.75 21.81
N SER C 410 23.87 -12.96 22.17
CA SER C 410 24.77 -13.17 23.29
C SER C 410 26.11 -12.58 23.01
N LEU C 411 26.52 -12.62 21.75
CA LEU C 411 27.77 -12.06 21.36
C LEU C 411 27.82 -10.60 21.72
N PHE C 412 26.77 -9.86 21.36
CA PHE C 412 26.70 -8.45 21.67
C PHE C 412 26.75 -8.22 23.15
N MET C 413 26.12 -9.10 23.92
CA MET C 413 26.15 -9.01 25.36
C MET C 413 27.56 -9.10 25.85
N LEU C 414 28.28 -10.10 25.39
CA LEU C 414 29.64 -10.33 25.84
C LEU C 414 30.55 -9.18 25.47
N VAL C 415 30.35 -8.62 24.30
CA VAL C 415 31.12 -7.49 23.87
C VAL C 415 30.93 -6.32 24.80
N SER C 416 29.68 -6.06 25.19
CA SER C 416 29.40 -4.96 26.08
C SER C 416 30.03 -5.19 27.43
N VAL C 417 30.11 -6.44 27.85
CA VAL C 417 30.77 -6.75 29.11
C VAL C 417 32.21 -6.33 29.06
N VAL C 418 32.88 -6.68 27.97
CA VAL C 418 34.27 -6.31 27.79
C VAL C 418 34.47 -4.82 27.82
N LEU C 419 33.69 -4.12 27.02
CA LEU C 419 33.80 -2.69 26.91
C LEU C 419 33.48 -2.01 28.23
N TYR C 420 32.52 -2.56 28.94
CA TYR C 420 32.14 -2.06 30.24
C TYR C 420 33.34 -2.05 31.16
N PHE C 421 34.01 -3.18 31.25
CA PHE C 421 35.16 -3.29 32.11
C PHE C 421 36.41 -2.68 31.51
N SER C 422 36.34 -2.33 30.22
CA SER C 422 37.43 -1.65 29.56
C SER C 422 37.30 -0.13 29.66
N GLN C 423 36.31 0.35 30.43
CA GLN C 423 36.08 1.79 30.60
C GLN C 423 35.66 2.44 29.30
N ARG C 424 34.97 1.68 28.47
CA ARG C 424 34.53 2.16 27.19
C ARG C 424 33.03 2.24 27.15
N LYS C 425 32.50 3.47 27.27
CA LYS C 425 31.04 3.72 27.26
C LYS C 425 30.35 3.14 26.02
N GLU C 426 31.13 2.84 24.97
CA GLU C 426 30.66 2.21 23.75
C GLU C 426 29.88 0.92 24.03
N TYR C 427 30.12 0.30 25.19
CA TYR C 427 29.43 -0.90 25.61
C TYR C 427 27.93 -0.73 25.52
N VAL C 428 27.45 0.50 25.69
CA VAL C 428 26.05 0.77 25.64
C VAL C 428 25.51 0.39 24.30
N ALA C 429 26.22 0.76 23.25
CA ALA C 429 25.77 0.49 21.91
C ALA C 429 25.65 -0.99 21.68
N SER C 430 26.67 -1.73 22.07
CA SER C 430 26.67 -3.17 21.91
C SER C 430 25.52 -3.79 22.66
N MET C 431 25.36 -3.37 23.91
CA MET C 431 24.28 -3.81 24.75
C MET C 431 22.94 -3.59 24.09
N VAL C 432 22.75 -2.38 23.57
CA VAL C 432 21.53 -2.04 22.88
C VAL C 432 21.23 -2.98 21.74
N PHE C 433 22.26 -3.35 20.98
CA PHE C 433 22.04 -4.26 19.89
C PHE C 433 21.60 -5.60 20.42
N SER C 434 22.18 -6.03 21.53
CA SER C 434 21.79 -7.29 22.14
C SER C 434 20.33 -7.24 22.53
N LEU C 435 19.93 -6.13 23.12
CA LEU C 435 18.57 -5.93 23.57
C LEU C 435 17.60 -6.07 22.42
N ALA C 436 17.85 -5.35 21.34
CA ALA C 436 17.00 -5.38 20.18
C ALA C 436 16.93 -6.79 19.61
N MET C 437 18.09 -7.45 19.55
CA MET C 437 18.16 -8.81 19.04
C MET C 437 17.24 -9.70 19.80
N GLY C 438 17.21 -9.56 21.12
CA GLY C 438 16.37 -10.40 21.95
C GLY C 438 14.92 -10.20 21.65
N TRP C 439 14.51 -8.96 21.49
CA TRP C 439 13.12 -8.68 21.21
C TRP C 439 12.73 -9.23 19.87
N THR C 440 13.65 -9.23 18.93
CA THR C 440 13.42 -9.87 17.65
C THR C 440 13.29 -11.36 17.84
N ASN C 441 14.20 -11.91 18.65
CA ASN C 441 14.27 -13.33 18.90
C ASN C 441 13.06 -13.88 19.65
N MET C 442 12.27 -12.99 20.24
CA MET C 442 11.01 -13.39 20.85
C MET C 442 10.15 -14.21 19.88
N LEU C 443 10.27 -13.89 18.59
CA LEU C 443 9.46 -14.54 17.56
C LEU C 443 9.78 -16.00 17.42
N TYR C 444 10.94 -16.40 17.91
CA TYR C 444 11.33 -17.79 17.90
C TYR C 444 10.26 -18.66 18.48
N TYR C 445 9.62 -18.20 19.53
CA TYR C 445 8.70 -19.02 20.28
C TYR C 445 7.31 -19.06 19.68
N THR C 446 7.11 -18.37 18.56
CA THR C 446 5.84 -18.43 17.88
C THR C 446 5.65 -19.79 17.25
N ARG C 447 6.76 -20.53 17.11
CA ARG C 447 6.75 -21.87 16.56
C ARG C 447 5.87 -22.84 17.34
N GLY C 448 5.47 -22.48 18.55
CA GLY C 448 4.61 -23.34 19.33
C GLY C 448 3.13 -23.20 18.97
N PHE C 449 2.81 -22.31 18.02
CA PHE C 449 1.43 -22.08 17.66
C PHE C 449 1.22 -22.24 16.19
N GLN C 450 0.25 -23.06 15.81
CA GLN C 450 -0.04 -23.31 14.40
C GLN C 450 -0.80 -22.18 13.79
N GLN C 451 -0.11 -21.06 13.62
CA GLN C 451 -0.67 -19.85 13.05
C GLN C 451 0.30 -18.71 13.28
N MET C 452 0.84 -18.63 14.49
CA MET C 452 1.79 -17.59 14.78
C MET C 452 3.11 -17.99 14.23
N GLY C 453 3.46 -19.25 14.42
CA GLY C 453 4.70 -19.76 13.89
C GLY C 453 4.64 -19.79 12.39
N ILE C 454 3.48 -20.14 11.86
CA ILE C 454 3.29 -20.15 10.43
C ILE C 454 3.49 -18.77 9.88
N TYR C 455 2.92 -17.80 10.55
CA TYR C 455 3.08 -16.41 10.20
C TYR C 455 4.54 -16.02 10.20
N ALA C 456 5.26 -16.45 11.23
CA ALA C 456 6.68 -16.17 11.32
C ALA C 456 7.43 -16.77 10.15
N VAL C 457 7.02 -17.96 9.73
CA VAL C 457 7.63 -18.60 8.58
C VAL C 457 7.40 -17.76 7.34
N MET C 458 6.19 -17.25 7.20
CA MET C 458 5.88 -16.41 6.08
C MET C 458 6.82 -15.22 6.08
N ILE C 459 7.04 -14.67 7.26
CA ILE C 459 7.89 -13.52 7.39
C ILE C 459 9.30 -13.81 6.96
N GLU C 460 9.91 -14.82 7.54
CA GLU C 460 11.31 -15.09 7.25
C GLU C 460 11.56 -15.41 5.80
N LYS C 461 10.58 -15.98 5.13
CA LYS C 461 10.77 -16.34 3.75
C LYS C 461 10.69 -15.14 2.88
N MET C 462 9.77 -14.26 3.19
CA MET C 462 9.60 -13.07 2.42
C MET C 462 10.80 -12.17 2.58
N ILE C 463 11.41 -12.17 3.76
CA ILE C 463 12.64 -11.45 4.00
C ILE C 463 13.76 -11.97 3.16
N LEU C 464 13.98 -13.27 3.26
CA LEU C 464 15.07 -13.93 2.57
C LEU C 464 14.90 -13.86 1.08
N ARG C 465 13.68 -13.69 0.62
CA ARG C 465 13.41 -13.61 -0.78
C ARG C 465 13.17 -12.18 -1.22
N ASP C 466 11.93 -11.75 -1.12
CA ASP C 466 11.49 -10.48 -1.67
C ASP C 466 12.17 -9.27 -1.08
N LEU C 467 12.34 -9.23 0.23
CA LEU C 467 12.87 -8.06 0.86
C LEU C 467 14.28 -7.77 0.42
N CYS C 468 15.14 -8.76 0.52
CA CYS C 468 16.52 -8.56 0.11
C CYS C 468 16.63 -8.34 -1.39
N ARG C 469 15.70 -8.93 -2.15
CA ARG C 469 15.65 -8.72 -3.59
C ARG C 469 15.38 -7.27 -3.87
N PHE C 470 14.41 -6.74 -3.18
CA PHE C 470 14.05 -5.35 -3.29
C PHE C 470 15.19 -4.45 -2.92
N MET C 471 15.77 -4.69 -1.75
CA MET C 471 16.82 -3.83 -1.23
C MET C 471 17.99 -3.76 -2.16
N PHE C 472 18.30 -4.87 -2.79
CA PHE C 472 19.38 -4.90 -3.75
C PHE C 472 19.27 -3.80 -4.78
N VAL C 473 18.06 -3.52 -5.22
CA VAL C 473 17.83 -2.51 -6.24
C VAL C 473 17.54 -1.17 -5.63
N TYR C 474 16.80 -1.18 -4.56
CA TYR C 474 16.45 0.03 -3.84
C TYR C 474 17.66 0.84 -3.55
N LEU C 475 18.66 0.19 -3.01
CA LEU C 475 19.88 0.83 -2.61
C LEU C 475 20.64 1.38 -3.80
N VAL C 476 20.53 0.70 -4.94
CA VAL C 476 21.18 1.19 -6.14
C VAL C 476 20.67 2.53 -6.51
N PHE C 477 19.36 2.67 -6.49
CA PHE C 477 18.75 3.93 -6.84
C PHE C 477 18.97 4.96 -5.79
N LEU C 478 18.88 4.54 -4.54
CA LEU C 478 19.10 5.44 -3.44
C LEU C 478 20.44 6.07 -3.56
N PHE C 479 21.44 5.24 -3.71
CA PHE C 479 22.79 5.70 -3.80
C PHE C 479 23.00 6.54 -5.04
N GLY C 480 22.57 6.02 -6.17
CA GLY C 480 22.79 6.71 -7.43
C GLY C 480 22.24 8.10 -7.40
N PHE C 481 20.99 8.23 -7.01
CA PHE C 481 20.36 9.53 -6.98
C PHE C 481 20.97 10.43 -5.95
N SER C 482 21.42 9.86 -4.83
CA SER C 482 21.99 10.70 -3.79
C SER C 482 23.25 11.35 -4.26
N THR C 483 24.03 10.65 -5.07
CA THR C 483 25.26 11.21 -5.56
C THR C 483 24.97 12.23 -6.63
N ALA C 484 23.91 11.99 -7.38
CA ALA C 484 23.49 12.92 -8.40
C ALA C 484 23.14 14.25 -7.78
N VAL C 485 22.34 14.19 -6.72
CA VAL C 485 21.90 15.37 -6.04
C VAL C 485 23.06 16.08 -5.37
N VAL C 486 23.90 15.33 -4.66
CA VAL C 486 25.05 15.93 -4.01
C VAL C 486 25.89 16.69 -4.96
N THR C 487 26.09 16.14 -6.14
CA THR C 487 26.87 16.81 -7.14
C THR C 487 26.35 18.21 -7.39
N LEU C 488 25.03 18.32 -7.49
CA LEU C 488 24.41 19.62 -7.69
C LEU C 488 24.56 20.52 -6.47
N ILE C 489 24.52 19.93 -5.29
CA ILE C 489 24.55 20.68 -4.05
C ILE C 489 25.84 21.40 -3.81
N GLU C 490 25.74 22.67 -3.43
CA GLU C 490 26.88 23.50 -3.12
C GLU C 490 27.32 23.31 -1.66
N ASP C 491 26.34 23.26 -0.75
CA ASP C 491 26.61 23.04 0.67
C ASP C 491 25.31 22.73 1.42
N GLY C 492 24.88 23.66 2.30
CA GLY C 492 23.63 23.51 3.06
C GLY C 492 23.64 22.33 4.02
N LYS C 493 24.83 21.76 4.27
CA LYS C 493 24.95 20.56 5.10
C LYS C 493 24.37 19.33 4.38
N TYR C 494 24.13 19.46 3.09
CA TYR C 494 23.62 18.37 2.30
C TYR C 494 24.66 17.89 1.33
N ASN C 495 25.65 18.74 1.08
CA ASN C 495 26.80 18.32 0.28
C ASN C 495 27.42 17.03 0.83
N SER C 496 27.28 16.82 2.14
CA SER C 496 27.67 15.57 2.75
C SER C 496 26.72 14.48 2.31
N LEU C 497 27.24 13.57 1.50
CA LEU C 497 26.46 12.47 0.94
C LEU C 497 25.58 11.80 1.96
N TYR C 498 26.12 11.60 3.15
CA TYR C 498 25.40 10.97 4.22
C TYR C 498 24.05 11.60 4.46
N SER C 499 24.00 12.91 4.52
CA SER C 499 22.76 13.58 4.84
C SER C 499 21.83 13.59 3.66
N THR C 500 22.38 13.72 2.46
CA THR C 500 21.56 13.72 1.26
C THR C 500 20.86 12.41 1.05
N CYS C 501 21.57 11.31 1.26
CA CYS C 501 20.96 10.03 1.04
C CYS C 501 19.87 9.79 2.05
N LEU C 502 19.99 10.40 3.22
CA LEU C 502 18.92 10.31 4.19
C LEU C 502 17.73 11.09 3.74
N GLU C 503 17.98 12.23 3.10
CA GLU C 503 16.89 13.04 2.59
C GLU C 503 16.12 12.30 1.53
N LEU C 504 16.81 11.52 0.73
CA LEU C 504 16.12 10.73 -0.26
C LEU C 504 15.39 9.58 0.38
N PHE C 505 16.02 8.97 1.38
CA PHE C 505 15.42 7.88 2.11
C PHE C 505 14.07 8.30 2.67
N LYS C 506 14.01 9.54 3.16
CA LYS C 506 12.80 10.09 3.74
C LYS C 506 11.60 10.03 2.79
N PHE C 507 11.83 10.08 1.49
CA PHE C 507 10.72 10.03 0.54
C PHE C 507 10.02 8.72 0.59
N THR C 508 10.73 7.67 0.96
CA THR C 508 10.16 6.37 0.92
C THR C 508 9.49 6.03 2.23
N ILE C 509 9.87 6.71 3.30
CA ILE C 509 9.15 6.55 4.55
C ILE C 509 7.91 7.44 4.56
N GLY C 510 7.92 8.46 3.71
CA GLY C 510 6.74 9.31 3.57
C GLY C 510 6.97 10.73 4.06
N MET C 511 8.22 11.07 4.38
CA MET C 511 8.52 12.41 4.83
C MET C 511 9.64 13.05 4.05
N GLY C 512 9.64 12.85 2.75
CA GLY C 512 10.67 13.45 1.93
C GLY C 512 10.27 14.83 1.48
N ASP C 513 11.15 15.79 1.69
CA ASP C 513 10.90 17.18 1.34
C ASP C 513 11.50 17.54 -0.01
N LEU C 514 10.65 17.84 -0.98
CA LEU C 514 11.09 18.22 -2.30
C LEU C 514 11.94 19.49 -2.30
N GLU C 515 11.77 20.31 -1.29
CA GLU C 515 12.46 21.58 -1.22
C GLU C 515 13.47 21.59 -0.08
N PHE C 516 14.01 20.43 0.27
CA PHE C 516 14.93 20.34 1.40
C PHE C 516 16.16 21.28 1.29
N THR C 517 16.52 21.71 0.07
CA THR C 517 17.63 22.65 -0.07
C THR C 517 17.50 23.51 -1.31
N GLU C 518 18.26 24.60 -1.31
CA GLU C 518 18.31 25.53 -2.43
C GLU C 518 19.74 25.76 -2.91
N ASN C 519 20.67 24.99 -2.37
CA ASN C 519 22.09 25.17 -2.69
C ASN C 519 22.46 24.59 -4.04
N TYR C 520 22.04 25.24 -5.10
CA TYR C 520 22.32 24.80 -6.46
C TYR C 520 21.91 25.83 -7.45
N ASP C 521 22.47 25.75 -8.65
CA ASP C 521 22.14 26.66 -9.72
C ASP C 521 21.19 26.02 -10.72
N PHE C 522 20.76 24.80 -10.44
CA PHE C 522 19.94 24.08 -11.40
C PHE C 522 18.69 23.54 -10.74
N LYS C 523 17.80 24.46 -10.38
CA LYS C 523 16.56 24.13 -9.70
C LYS C 523 15.75 23.11 -10.47
N ALA C 524 15.56 23.35 -11.75
CA ALA C 524 14.77 22.46 -12.56
C ALA C 524 15.31 21.06 -12.49
N VAL C 525 16.60 20.93 -12.73
CA VAL C 525 17.27 19.65 -12.72
C VAL C 525 17.15 18.97 -11.40
N PHE C 526 17.36 19.73 -10.35
CA PHE C 526 17.25 19.25 -9.00
C PHE C 526 15.92 18.59 -8.78
N ILE C 527 14.86 19.27 -9.19
CA ILE C 527 13.52 18.77 -9.04
C ILE C 527 13.30 17.54 -9.89
N ILE C 528 13.81 17.57 -11.11
CA ILE C 528 13.67 16.43 -12.02
C ILE C 528 14.20 15.17 -11.40
N LEU C 529 15.37 15.27 -10.80
CA LEU C 529 15.99 14.13 -10.19
C LEU C 529 15.15 13.59 -9.08
N LEU C 530 14.61 14.49 -8.28
CA LEU C 530 13.79 14.09 -7.17
C LEU C 530 12.56 13.36 -7.65
N LEU C 531 11.96 13.88 -8.71
CA LEU C 531 10.75 13.30 -9.24
C LEU C 531 11.01 11.91 -9.75
N ALA C 532 12.14 11.74 -10.42
CA ALA C 532 12.51 10.45 -10.95
C ALA C 532 12.68 9.46 -9.82
N TYR C 533 13.38 9.88 -8.79
CA TYR C 533 13.60 9.06 -7.63
C TYR C 533 12.29 8.62 -7.00
N VAL C 534 11.40 9.56 -6.81
CA VAL C 534 10.12 9.25 -6.22
C VAL C 534 9.36 8.27 -7.05
N ILE C 535 9.21 8.57 -8.33
CA ILE C 535 8.44 7.72 -9.20
C ILE C 535 8.99 6.33 -9.29
N LEU C 536 10.29 6.22 -9.43
CA LEU C 536 10.90 4.93 -9.60
C LEU C 536 10.95 4.17 -8.32
N THR C 537 11.26 4.84 -7.24
CA THR C 537 11.45 4.16 -6.00
C THR C 537 10.19 4.16 -5.17
N TYR C 538 9.73 5.35 -4.82
CA TYR C 538 8.60 5.45 -3.92
C TYR C 538 7.35 4.88 -4.51
N ILE C 539 7.05 5.21 -5.74
CA ILE C 539 5.84 4.72 -6.33
C ILE C 539 6.04 3.33 -6.86
N LEU C 540 6.80 3.21 -7.93
CA LEU C 540 6.95 1.98 -8.64
C LEU C 540 7.45 0.82 -7.79
N LEU C 541 8.68 0.93 -7.30
CA LEU C 541 9.29 -0.22 -6.63
C LEU C 541 8.59 -0.63 -5.36
N LEU C 542 8.17 0.32 -4.53
CA LEU C 542 7.51 -0.06 -3.29
C LEU C 542 6.22 -0.78 -3.57
N GLN C 543 5.47 -0.32 -4.55
CA GLN C 543 4.22 -0.95 -4.89
C GLN C 543 4.47 -2.29 -5.52
N MET C 544 5.50 -2.38 -6.33
CA MET C 544 5.88 -3.61 -6.97
C MET C 544 6.18 -4.64 -5.96
N LEU C 545 6.91 -4.23 -4.94
CA LEU C 545 7.25 -5.10 -3.87
C LEU C 545 6.01 -5.71 -3.27
N ILE C 546 5.02 -4.87 -2.97
CA ILE C 546 3.76 -5.36 -2.44
C ILE C 546 3.16 -6.42 -3.33
N ALA C 547 3.14 -6.13 -4.63
CA ALA C 547 2.58 -7.04 -5.61
C ALA C 547 3.26 -8.39 -5.55
N LEU C 548 4.59 -8.37 -5.55
CA LEU C 548 5.36 -9.58 -5.55
C LEU C 548 5.17 -10.34 -4.28
N MET C 549 5.06 -9.62 -3.18
CA MET C 549 4.84 -10.21 -1.89
C MET C 549 3.54 -10.99 -1.90
N GLY C 550 2.51 -10.42 -2.51
CA GLY C 550 1.22 -11.09 -2.61
C GLY C 550 1.37 -12.41 -3.35
N GLU C 551 2.14 -12.41 -4.41
CA GLU C 551 2.36 -13.61 -5.17
C GLU C 551 3.16 -14.62 -4.40
N THR C 552 4.15 -14.15 -3.66
CA THR C 552 4.95 -15.03 -2.85
C THR C 552 4.09 -15.73 -1.84
N VAL C 553 3.16 -15.00 -1.24
CA VAL C 553 2.21 -15.59 -0.31
C VAL C 553 1.43 -16.70 -0.96
N ASN C 554 0.98 -16.47 -2.18
CA ASN C 554 0.25 -17.46 -2.92
C ASN C 554 1.08 -18.71 -3.11
N LYS C 555 2.33 -18.52 -3.50
CA LYS C 555 3.24 -19.61 -3.77
C LYS C 555 3.55 -20.43 -2.53
N ILE C 556 3.65 -19.77 -1.38
CA ILE C 556 4.02 -20.48 -0.17
C ILE C 556 2.79 -21.13 0.44
N ALA C 557 2.04 -20.36 1.22
CA ALA C 557 0.84 -20.87 1.88
C ALA C 557 1.11 -22.22 2.58
N GLN C 558 0.84 -23.32 1.88
CA GLN C 558 1.00 -24.65 2.42
C GLN C 558 2.41 -24.95 2.81
N GLU C 559 3.34 -24.39 2.09
CA GLU C 559 4.72 -24.64 2.36
C GLU C 559 5.13 -24.11 3.70
N SER C 560 4.57 -22.96 4.09
CA SER C 560 4.90 -22.42 5.38
C SER C 560 4.38 -23.31 6.47
N LYS C 561 3.24 -23.92 6.23
CA LYS C 561 2.66 -24.84 7.17
C LYS C 561 3.55 -26.05 7.31
N ASN C 562 4.04 -26.55 6.18
CA ASN C 562 4.93 -27.69 6.17
C ASN C 562 6.15 -27.40 6.99
N ILE C 563 6.73 -26.24 6.75
CA ILE C 563 7.92 -25.80 7.44
C ILE C 563 7.66 -25.67 8.90
N TRP C 564 6.54 -25.08 9.26
CA TRP C 564 6.19 -24.92 10.65
C TRP C 564 6.16 -26.23 11.38
N LYS C 565 5.59 -27.24 10.74
CA LYS C 565 5.52 -28.54 11.36
C LYS C 565 6.90 -29.06 11.63
N LEU C 566 7.80 -28.88 10.66
CA LEU C 566 9.18 -29.28 10.84
C LEU C 566 9.81 -28.53 11.96
N GLN C 567 9.62 -27.22 11.97
CA GLN C 567 10.18 -26.38 13.00
C GLN C 567 9.80 -26.88 14.37
N ARG C 568 8.53 -27.25 14.53
CA ARG C 568 8.05 -27.75 15.79
C ARG C 568 8.69 -29.08 16.11
N ALA C 569 8.74 -29.96 15.11
CA ALA C 569 9.30 -31.28 15.28
C ALA C 569 10.72 -31.21 15.79
N ILE C 570 11.48 -30.29 15.24
CA ILE C 570 12.85 -30.11 15.66
C ILE C 570 12.90 -29.74 17.11
N THR C 571 12.04 -28.82 17.50
CA THR C 571 11.95 -28.40 18.88
C THR C 571 11.63 -29.58 19.77
N ILE C 572 10.71 -30.41 19.33
CA ILE C 572 10.31 -31.59 20.07
C ILE C 572 11.48 -32.51 20.33
N LEU C 573 12.26 -32.76 19.29
CA LEU C 573 13.39 -33.66 19.41
C LEU C 573 14.41 -33.12 20.36
N ASP C 574 14.67 -31.84 20.25
CA ASP C 574 15.65 -31.21 21.09
C ASP C 574 15.17 -31.19 22.52
N THR C 575 13.86 -31.05 22.70
CA THR C 575 13.28 -31.06 24.01
C THR C 575 13.58 -32.35 24.72
N GLU C 576 13.29 -33.46 24.06
CA GLU C 576 13.52 -34.76 24.66
C GLU C 576 14.99 -35.02 24.88
N LYS C 577 15.80 -34.64 23.91
CA LYS C 577 17.22 -34.86 23.95
C LYS C 577 17.87 -34.12 25.10
N SER C 578 17.46 -32.88 25.30
CA SER C 578 18.03 -32.07 26.35
C SER C 578 17.38 -32.32 27.70
N PHE C 579 16.08 -32.64 27.70
CA PHE C 579 15.35 -32.83 28.95
C PHE C 579 15.57 -34.16 29.62
N LEU C 580 16.78 -34.35 30.15
CA LEU C 580 17.11 -35.49 31.01
C LEU C 580 16.85 -36.86 30.38
N LYS C 581 16.63 -36.92 29.06
CA LYS C 581 16.25 -38.17 28.41
C LYS C 581 15.04 -38.81 29.11
N CYS C 582 14.10 -37.96 29.54
CA CYS C 582 12.91 -38.39 30.26
C CYS C 582 12.17 -39.53 29.57
N MET C 583 11.77 -40.52 30.36
CA MET C 583 11.07 -41.70 29.87
C MET C 583 9.80 -41.35 29.11
N ARG C 584 9.57 -42.08 28.03
CA ARG C 584 8.42 -41.85 27.18
C ARG C 584 8.05 -43.09 26.41
N LYS C 585 7.00 -42.98 25.60
CA LYS C 585 6.61 -44.05 24.70
C LYS C 585 7.58 -44.11 23.54
N LEU D 271 -44.97 -26.49 -2.29
CA LEU D 271 -44.89 -25.91 -0.96
C LEU D 271 -44.32 -26.89 0.05
N TYR D 272 -43.32 -26.45 0.78
CA TYR D 272 -42.70 -27.27 1.80
C TYR D 272 -43.50 -27.19 3.09
N ASP D 273 -43.40 -28.24 3.90
CA ASP D 273 -44.11 -28.27 5.16
C ASP D 273 -43.40 -27.41 6.20
N LEU D 274 -43.69 -26.12 6.13
CA LEU D 274 -43.03 -25.10 6.96
C LEU D 274 -43.28 -25.29 8.47
N SER D 275 -44.33 -26.03 8.82
CA SER D 275 -44.66 -26.24 10.23
C SER D 275 -43.56 -26.99 10.94
N CYS D 276 -42.78 -27.76 10.20
CA CYS D 276 -41.67 -28.50 10.77
C CYS D 276 -40.64 -27.53 11.32
N ILE D 277 -40.36 -26.50 10.56
CA ILE D 277 -39.43 -25.47 10.95
C ILE D 277 -39.90 -24.79 12.20
N ASP D 278 -41.20 -24.55 12.27
CA ASP D 278 -41.79 -23.87 13.40
C ASP D 278 -42.12 -24.78 14.59
N THR D 279 -41.50 -25.98 14.67
CA THR D 279 -41.69 -26.86 15.85
C THR D 279 -40.87 -26.36 17.06
N CYS D 280 -41.17 -25.13 17.48
CA CYS D 280 -40.47 -24.42 18.55
C CYS D 280 -40.74 -25.02 19.91
N GLU D 281 -41.77 -25.85 19.99
CA GLU D 281 -42.08 -26.56 21.22
C GLU D 281 -40.87 -27.34 21.71
N LYS D 282 -40.02 -27.75 20.78
CA LYS D 282 -38.76 -28.36 21.13
C LYS D 282 -37.65 -27.37 20.82
N ASN D 283 -37.63 -26.92 19.57
CA ASN D 283 -36.62 -25.99 19.08
C ASN D 283 -36.82 -25.80 17.58
N SER D 284 -37.12 -24.57 17.14
CA SER D 284 -37.31 -24.32 15.72
C SER D 284 -36.08 -24.63 14.96
N VAL D 285 -36.24 -25.13 13.76
CA VAL D 285 -35.12 -25.44 12.90
C VAL D 285 -34.22 -24.24 12.74
N LEU D 286 -34.83 -23.08 12.61
CA LEU D 286 -34.08 -21.87 12.43
C LEU D 286 -33.35 -21.50 13.69
N GLU D 287 -33.99 -21.73 14.83
CA GLU D 287 -33.38 -21.46 16.11
C GLU D 287 -32.19 -22.36 16.33
N VAL D 288 -32.31 -23.62 15.93
CA VAL D 288 -31.20 -24.55 16.02
C VAL D 288 -29.99 -23.97 15.36
N ILE D 289 -30.19 -23.46 14.16
CA ILE D 289 -29.11 -22.88 13.40
C ILE D 289 -28.61 -21.59 14.03
N ALA D 290 -29.54 -20.70 14.35
CA ALA D 290 -29.22 -19.38 14.87
C ALA D 290 -28.38 -19.43 16.12
N TYR D 291 -28.72 -20.33 17.00
CA TYR D 291 -28.02 -20.42 18.26
C TYR D 291 -27.03 -21.56 18.28
N SER D 292 -26.63 -22.00 17.08
CA SER D 292 -25.70 -23.10 16.98
C SER D 292 -24.33 -22.71 17.47
N SER D 293 -23.70 -23.64 18.17
CA SER D 293 -22.36 -23.46 18.65
C SER D 293 -21.41 -23.18 17.52
N SER D 294 -20.41 -22.35 17.80
CA SER D 294 -19.38 -22.02 16.82
C SER D 294 -18.65 -23.28 16.34
N GLU D 295 -18.69 -24.34 17.15
CA GLU D 295 -18.06 -25.60 16.83
C GLU D 295 -18.75 -26.35 15.68
N THR D 296 -20.04 -26.06 15.45
CA THR D 296 -20.80 -26.77 14.43
C THR D 296 -20.17 -26.58 13.03
N PRO D 297 -19.90 -27.67 12.30
CA PRO D 297 -19.26 -27.67 11.01
C PRO D 297 -20.09 -26.98 9.95
N ASN D 298 -21.39 -27.23 10.00
CA ASN D 298 -22.30 -26.66 9.03
C ASN D 298 -23.02 -25.44 9.58
N ARG D 299 -22.48 -24.83 10.64
CA ARG D 299 -23.12 -23.69 11.29
C ARG D 299 -23.68 -22.69 10.29
N HIS D 300 -22.94 -22.46 9.22
CA HIS D 300 -23.33 -21.51 8.21
C HIS D 300 -23.99 -22.23 7.03
N ASP D 301 -23.44 -23.39 6.69
CA ASP D 301 -23.86 -24.17 5.53
C ASP D 301 -25.30 -24.66 5.61
N MET D 302 -25.80 -24.83 6.81
CA MET D 302 -27.18 -25.27 7.01
C MET D 302 -28.19 -24.36 6.31
N LEU D 303 -27.86 -23.08 6.16
CA LEU D 303 -28.78 -22.15 5.53
C LEU D 303 -28.72 -22.17 4.02
N LEU D 304 -28.02 -23.14 3.46
CA LEU D 304 -27.99 -23.29 2.03
C LEU D 304 -29.23 -24.04 1.54
N VAL D 305 -30.03 -24.55 2.48
CA VAL D 305 -31.27 -25.24 2.15
C VAL D 305 -32.27 -24.29 1.51
N GLU D 306 -32.78 -24.68 0.34
CA GLU D 306 -33.72 -23.88 -0.42
C GLU D 306 -35.00 -23.51 0.32
N PRO D 307 -35.53 -24.44 1.14
CA PRO D 307 -36.69 -24.14 1.94
C PRO D 307 -36.43 -23.06 2.95
N LEU D 308 -35.24 -23.10 3.53
CA LEU D 308 -34.90 -22.13 4.55
C LEU D 308 -34.70 -20.78 3.94
N ASN D 309 -34.07 -20.75 2.77
CA ASN D 309 -33.80 -19.51 2.09
C ASN D 309 -35.06 -18.89 1.57
N ARG D 310 -35.91 -19.71 1.00
CA ARG D 310 -37.22 -19.26 0.54
C ARG D 310 -37.93 -18.57 1.66
N LEU D 311 -38.01 -19.25 2.79
CA LEU D 311 -38.70 -18.77 3.94
C LEU D 311 -38.11 -17.47 4.46
N LEU D 312 -36.82 -17.46 4.70
CA LEU D 312 -36.16 -16.31 5.29
C LEU D 312 -36.23 -15.09 4.42
N GLN D 313 -36.06 -15.28 3.11
CA GLN D 313 -36.13 -14.16 2.20
C GLN D 313 -37.51 -13.60 2.17
N ASP D 314 -38.50 -14.48 2.24
CA ASP D 314 -39.89 -14.06 2.31
C ASP D 314 -40.10 -13.16 3.49
N LYS D 315 -39.64 -13.60 4.65
CA LYS D 315 -39.81 -12.85 5.89
C LYS D 315 -39.19 -11.49 5.79
N TRP D 316 -37.97 -11.47 5.28
CA TRP D 316 -37.20 -10.26 5.14
C TRP D 316 -37.95 -9.23 4.35
N ASP D 317 -38.36 -9.61 3.16
CA ASP D 317 -39.04 -8.71 2.26
C ASP D 317 -40.43 -8.38 2.75
N ARG D 318 -41.12 -9.36 3.29
CA ARG D 318 -42.48 -9.20 3.70
C ARG D 318 -42.65 -8.13 4.75
N PHE D 319 -41.74 -8.08 5.73
CA PHE D 319 -41.90 -7.06 6.75
C PHE D 319 -40.66 -6.80 7.59
N VAL D 320 -39.81 -7.80 7.75
CA VAL D 320 -38.72 -7.67 8.70
C VAL D 320 -37.81 -6.52 8.37
N LYS D 321 -37.47 -6.37 7.11
CA LYS D 321 -36.56 -5.31 6.70
C LYS D 321 -37.10 -3.94 6.99
N ARG D 322 -38.42 -3.82 7.08
CA ARG D 322 -39.02 -2.55 7.36
C ARG D 322 -38.80 -2.21 8.79
N ILE D 323 -39.06 -3.20 9.64
CA ILE D 323 -38.84 -3.05 11.05
C ILE D 323 -37.39 -2.77 11.33
N PHE D 324 -36.53 -3.50 10.63
CA PHE D 324 -35.11 -3.35 10.75
C PHE D 324 -34.65 -1.96 10.42
N TYR D 325 -35.13 -1.44 9.29
CA TYR D 325 -34.75 -0.11 8.86
C TYR D 325 -35.19 0.90 9.87
N PHE D 326 -36.36 0.69 10.45
CA PHE D 326 -36.87 1.55 11.48
C PHE D 326 -35.95 1.58 12.67
N ASN D 327 -35.55 0.40 13.14
CA ASN D 327 -34.68 0.29 14.28
C ASN D 327 -33.38 1.00 14.03
N PHE D 328 -32.85 0.83 12.84
CA PHE D 328 -31.65 1.51 12.43
C PHE D 328 -31.81 3.00 12.50
N PHE D 329 -32.91 3.48 11.94
CA PHE D 329 -33.21 4.89 11.94
C PHE D 329 -33.22 5.44 13.34
N VAL D 330 -33.89 4.73 14.24
CA VAL D 330 -33.94 5.14 15.61
C VAL D 330 -32.56 5.22 16.20
N TYR D 331 -31.74 4.23 15.92
CA TYR D 331 -30.41 4.20 16.48
C TYR D 331 -29.57 5.35 16.00
N CYS D 332 -29.64 5.66 14.71
CA CYS D 332 -28.83 6.74 14.22
C CYS D 332 -29.28 8.07 14.80
N LEU D 333 -30.56 8.17 15.15
CA LEU D 333 -31.05 9.35 15.82
C LEU D 333 -30.45 9.43 17.19
N TYR D 334 -30.43 8.30 17.87
CA TYR D 334 -29.84 8.21 19.18
C TYR D 334 -28.43 8.74 19.16
N MET D 335 -27.66 8.33 18.17
CA MET D 335 -26.28 8.70 18.11
C MET D 335 -26.07 10.17 17.90
N ILE D 336 -26.87 10.80 17.05
CA ILE D 336 -26.68 12.22 16.81
C ILE D 336 -27.18 13.05 17.98
N ILE D 337 -28.13 12.52 18.72
CA ILE D 337 -28.60 13.18 19.92
C ILE D 337 -27.52 13.17 20.96
N PHE D 338 -26.93 12.01 21.15
CA PHE D 338 -25.86 11.83 22.08
C PHE D 338 -24.68 12.68 21.72
N THR D 339 -24.37 12.69 20.43
CA THR D 339 -23.28 13.48 19.92
C THR D 339 -23.44 14.93 20.28
N ALA D 340 -24.61 15.48 20.01
CA ALA D 340 -24.88 16.87 20.28
C ALA D 340 -24.75 17.19 21.75
N ALA D 341 -25.29 16.30 22.58
CA ALA D 341 -25.22 16.49 24.03
C ALA D 341 -23.80 16.67 24.48
N ALA D 342 -22.92 15.82 23.98
CA ALA D 342 -21.52 15.89 24.32
C ALA D 342 -20.89 17.15 23.74
N TYR D 343 -21.20 17.45 22.49
CA TYR D 343 -20.62 18.58 21.79
C TYR D 343 -20.84 19.89 22.53
N TYR D 344 -22.04 20.07 23.06
CA TYR D 344 -22.39 21.30 23.76
C TYR D 344 -22.37 21.11 25.28
N ARG D 345 -21.56 20.17 25.76
CA ARG D 345 -21.51 19.91 27.18
C ARG D 345 -20.61 20.92 27.92
N PRO D 346 -21.19 21.67 28.88
CA PRO D 346 -20.52 22.64 29.71
C PRO D 346 -19.57 21.98 30.66
N VAL D 347 -18.41 21.59 30.15
CA VAL D 347 -17.41 20.92 30.94
C VAL D 347 -16.78 21.83 32.01
N GLU D 348 -17.00 23.14 31.90
CA GLU D 348 -16.48 24.09 32.87
C GLU D 348 -16.98 23.82 34.28
N GLY D 349 -16.06 23.48 35.17
CA GLY D 349 -16.39 23.20 36.57
C GLY D 349 -16.46 21.72 36.84
N LEU D 350 -17.27 21.33 37.82
CA LEU D 350 -17.47 19.93 38.16
C LEU D 350 -18.93 19.58 38.12
N PRO D 351 -19.27 18.36 37.71
CA PRO D 351 -20.57 17.81 37.58
C PRO D 351 -21.12 17.46 38.94
N PRO D 352 -22.43 17.35 39.06
CA PRO D 352 -23.43 17.63 38.10
C PRO D 352 -23.55 19.12 37.88
N TYR D 353 -23.96 19.50 36.69
CA TYR D 353 -24.04 20.90 36.35
C TYR D 353 -25.47 21.40 36.48
N LYS D 354 -25.61 22.67 36.87
CA LYS D 354 -26.93 23.24 37.06
C LYS D 354 -27.43 23.91 35.81
N LEU D 355 -28.61 23.49 35.36
CA LEU D 355 -29.23 24.05 34.19
C LEU D 355 -29.70 25.46 34.45
N LYS D 356 -29.63 26.29 33.42
CA LYS D 356 -30.13 27.64 33.51
C LYS D 356 -31.36 27.73 32.65
N ASN D 357 -32.10 28.82 32.79
CA ASN D 357 -33.35 28.98 32.05
C ASN D 357 -33.11 29.39 30.60
N THR D 358 -32.55 28.48 29.80
CA THR D 358 -32.34 28.75 28.40
C THR D 358 -32.77 27.55 27.57
N VAL D 359 -33.04 27.81 26.30
CA VAL D 359 -33.44 26.77 25.38
C VAL D 359 -32.34 25.76 25.17
N GLY D 360 -31.12 26.26 25.06
CA GLY D 360 -29.95 25.41 24.86
C GLY D 360 -29.78 24.44 26.02
N ASP D 361 -29.95 24.94 27.24
CA ASP D 361 -29.83 24.10 28.42
C ASP D 361 -30.90 23.03 28.42
N TYR D 362 -32.11 23.42 28.07
CA TYR D 362 -33.21 22.50 27.96
C TYR D 362 -32.90 21.40 26.96
N PHE D 363 -32.40 21.80 25.79
CA PHE D 363 -32.07 20.83 24.77
C PHE D 363 -30.97 19.91 25.20
N ARG D 364 -29.99 20.45 25.91
CA ARG D 364 -28.86 19.66 26.34
C ARG D 364 -29.30 18.56 27.25
N VAL D 365 -30.00 18.92 28.33
CA VAL D 365 -30.42 17.93 29.28
C VAL D 365 -31.40 16.96 28.68
N THR D 366 -32.17 17.42 27.69
CA THR D 366 -33.09 16.55 27.02
C THR D 366 -32.32 15.45 26.35
N GLY D 367 -31.31 15.83 25.57
CA GLY D 367 -30.48 14.87 24.87
C GLY D 367 -29.71 14.01 25.85
N GLU D 368 -29.24 14.61 26.94
CA GLU D 368 -28.50 13.89 27.96
C GLU D 368 -29.31 12.75 28.52
N ILE D 369 -30.54 13.06 28.91
CA ILE D 369 -31.44 12.06 29.44
C ILE D 369 -31.69 10.98 28.44
N LEU D 370 -31.95 11.38 27.20
CA LEU D 370 -32.22 10.43 26.14
C LEU D 370 -31.03 9.53 25.90
N SER D 371 -29.84 10.10 26.01
CA SER D 371 -28.62 9.36 25.80
C SER D 371 -28.50 8.26 26.83
N VAL D 372 -28.74 8.61 28.07
CA VAL D 372 -28.67 7.66 29.16
C VAL D 372 -29.73 6.60 28.99
N SER D 373 -30.93 7.02 28.62
CA SER D 373 -32.04 6.11 28.44
C SER D 373 -31.72 5.03 27.45
N GLY D 374 -31.22 5.43 26.28
CA GLY D 374 -30.88 4.48 25.25
C GLY D 374 -29.76 3.56 25.72
N GLY D 375 -28.82 4.11 26.49
CA GLY D 375 -27.76 3.31 27.06
C GLY D 375 -28.36 2.21 27.92
N VAL D 376 -29.25 2.58 28.81
CA VAL D 376 -29.92 1.62 29.69
C VAL D 376 -30.65 0.58 28.89
N TYR D 377 -31.31 1.01 27.83
CA TYR D 377 -32.02 0.11 26.95
C TYR D 377 -31.11 -0.98 26.42
N PHE D 378 -29.98 -0.61 25.87
CA PHE D 378 -29.05 -1.58 25.32
C PHE D 378 -28.44 -2.40 26.41
N PHE D 379 -28.18 -1.79 27.55
CA PHE D 379 -27.62 -2.47 28.69
C PHE D 379 -28.52 -3.59 29.11
N PHE D 380 -29.78 -3.25 29.31
CA PHE D 380 -30.77 -4.19 29.75
C PHE D 380 -30.92 -5.32 28.77
N ARG D 381 -30.93 -5.01 27.48
CA ARG D 381 -31.02 -6.06 26.48
C ARG D 381 -29.85 -7.00 26.57
N GLY D 382 -28.67 -6.45 26.80
CA GLY D 382 -27.48 -7.27 26.99
C GLY D 382 -27.67 -8.18 28.18
N ILE D 383 -28.25 -7.64 29.25
CA ILE D 383 -28.55 -8.42 30.43
C ILE D 383 -29.52 -9.52 30.13
N GLN D 384 -30.53 -9.23 29.30
CA GLN D 384 -31.50 -10.22 28.91
C GLN D 384 -30.84 -11.36 28.21
N TYR D 385 -29.88 -11.04 27.36
CA TYR D 385 -29.15 -12.04 26.63
C TYR D 385 -28.35 -12.87 27.57
N PHE D 386 -27.80 -12.23 28.60
CA PHE D 386 -27.05 -12.94 29.61
C PHE D 386 -27.96 -13.85 30.43
N LEU D 387 -29.19 -13.41 30.64
CA LEU D 387 -30.16 -14.22 31.35
C LEU D 387 -30.47 -15.48 30.55
N GLN D 388 -30.47 -15.35 29.23
CA GLN D 388 -30.66 -16.48 28.34
C GLN D 388 -29.32 -17.11 28.03
N ARG D 389 -28.61 -16.54 27.08
CA ARG D 389 -27.31 -17.02 26.70
C ARG D 389 -26.28 -16.46 27.66
N ARG D 390 -26.08 -17.18 28.76
CA ARG D 390 -25.17 -16.75 29.82
C ARG D 390 -23.83 -16.29 29.24
N PRO D 391 -23.19 -15.29 29.89
CA PRO D 391 -21.96 -14.65 29.50
C PRO D 391 -20.79 -15.63 29.46
N SER D 392 -20.90 -16.71 30.24
CA SER D 392 -19.91 -17.79 30.19
C SER D 392 -19.94 -18.48 28.82
N LEU D 393 -21.09 -18.40 28.17
CA LEU D 393 -21.27 -18.96 26.85
C LEU D 393 -20.91 -17.92 25.82
N LYS D 394 -21.36 -16.68 26.07
CA LYS D 394 -21.17 -15.56 25.15
C LYS D 394 -19.71 -15.32 24.85
N SER D 395 -18.86 -15.49 25.86
CA SER D 395 -17.42 -15.31 25.71
C SER D 395 -16.81 -16.31 24.73
N LEU D 396 -17.53 -17.40 24.46
CA LEU D 396 -17.07 -18.44 23.58
C LEU D 396 -17.48 -18.17 22.13
N PHE D 397 -18.35 -17.17 21.93
CA PHE D 397 -18.82 -16.83 20.61
C PHE D 397 -18.26 -15.53 20.14
N VAL D 398 -17.11 -15.60 19.46
CA VAL D 398 -16.56 -14.40 18.87
C VAL D 398 -17.30 -14.12 17.55
N ASP D 399 -18.53 -13.65 17.73
CA ASP D 399 -19.51 -13.40 16.68
C ASP D 399 -20.67 -12.71 17.36
N SER D 400 -20.98 -13.20 18.58
CA SER D 400 -22.00 -12.62 19.43
C SER D 400 -21.51 -11.30 19.99
N TYR D 401 -20.22 -11.01 19.79
CA TYR D 401 -19.63 -9.77 20.21
C TYR D 401 -20.39 -8.59 19.62
N SER D 402 -21.06 -8.80 18.48
CA SER D 402 -21.85 -7.76 17.86
C SER D 402 -22.92 -7.23 18.82
N GLU D 403 -23.36 -8.08 19.75
CA GLU D 403 -24.29 -7.68 20.78
C GLU D 403 -23.54 -7.10 21.96
N ILE D 404 -22.45 -7.77 22.31
CA ILE D 404 -21.63 -7.37 23.45
C ILE D 404 -21.18 -5.94 23.34
N LEU D 405 -20.84 -5.52 22.13
CA LEU D 405 -20.38 -4.18 21.91
C LEU D 405 -21.39 -3.15 22.36
N PHE D 406 -22.68 -3.45 22.20
CA PHE D 406 -23.70 -2.52 22.62
C PHE D 406 -23.73 -2.48 24.11
N PHE D 407 -23.50 -3.63 24.72
CA PHE D 407 -23.47 -3.73 26.15
C PHE D 407 -22.32 -2.89 26.69
N VAL D 408 -21.17 -3.02 26.07
CA VAL D 408 -20.00 -2.27 26.47
C VAL D 408 -20.21 -0.78 26.29
N GLN D 409 -20.82 -0.42 25.17
CA GLN D 409 -21.17 0.95 24.89
C GLN D 409 -21.98 1.53 26.03
N SER D 410 -23.04 0.80 26.42
CA SER D 410 -23.92 1.23 27.47
C SER D 410 -23.21 1.24 28.80
N LEU D 411 -22.26 0.33 28.96
CA LEU D 411 -21.50 0.27 30.17
C LEU D 411 -20.78 1.57 30.38
N PHE D 412 -20.10 2.07 29.34
CA PHE D 412 -19.40 3.32 29.42
C PHE D 412 -20.33 4.46 29.76
N MET D 413 -21.54 4.41 29.20
CA MET D 413 -22.54 5.41 29.49
C MET D 413 -22.85 5.43 30.97
N LEU D 414 -23.11 4.26 31.52
CA LEU D 414 -23.48 4.15 32.91
C LEU D 414 -22.38 4.60 33.82
N VAL D 415 -21.14 4.30 33.46
CA VAL D 415 -20.01 4.72 34.24
C VAL D 415 -19.93 6.22 34.29
N SER D 416 -20.15 6.87 33.14
CA SER D 416 -20.09 8.32 33.10
C SER D 416 -21.18 8.92 33.94
N VAL D 417 -22.33 8.26 34.01
CA VAL D 417 -23.41 8.73 34.85
C VAL D 417 -22.96 8.77 36.30
N VAL D 418 -22.34 7.69 36.74
CA VAL D 418 -21.85 7.59 38.09
C VAL D 418 -20.86 8.68 38.40
N LEU D 419 -19.85 8.81 37.54
CA LEU D 419 -18.81 9.78 37.74
C LEU D 419 -19.35 11.20 37.71
N TYR D 420 -20.33 11.43 36.84
CA TYR D 420 -20.98 12.71 36.72
C TYR D 420 -21.56 13.11 38.07
N PHE D 421 -22.32 12.21 38.66
CA PHE D 421 -22.94 12.49 39.94
C PHE D 421 -21.97 12.34 41.10
N SER D 422 -20.80 11.78 40.83
CA SER D 422 -19.76 11.66 41.84
C SER D 422 -18.83 12.87 41.84
N GLN D 423 -19.16 13.90 41.04
CA GLN D 423 -18.34 15.11 40.94
C GLN D 423 -16.98 14.81 40.34
N ARG D 424 -16.94 13.83 39.46
CA ARG D 424 -15.71 13.43 38.84
C ARG D 424 -15.75 13.71 37.37
N LYS D 425 -15.06 14.78 36.96
CA LYS D 425 -15.01 15.21 35.55
C LYS D 425 -14.53 14.09 34.60
N GLU D 426 -13.89 13.07 35.17
CA GLU D 426 -13.46 11.88 34.44
C GLU D 426 -14.60 11.24 33.63
N TYR D 427 -15.84 11.50 34.04
CA TYR D 427 -17.00 11.00 33.34
C TYR D 427 -16.96 11.32 31.86
N VAL D 428 -16.30 12.43 31.52
CA VAL D 428 -16.19 12.83 30.15
C VAL D 428 -15.52 11.78 29.35
N ALA D 429 -14.43 11.24 29.89
CA ALA D 429 -13.66 10.24 29.20
C ALA D 429 -14.49 9.02 28.93
N SER D 430 -15.20 8.55 29.96
CA SER D 430 -16.04 7.38 29.82
C SER D 430 -17.10 7.62 28.77
N MET D 431 -17.75 8.76 28.87
CA MET D 431 -18.77 9.17 27.92
C MET D 431 -18.24 9.14 26.52
N VAL D 432 -17.06 9.72 26.31
CA VAL D 432 -16.42 9.73 25.03
C VAL D 432 -16.24 8.35 24.47
N PHE D 433 -15.83 7.40 25.30
CA PHE D 433 -15.66 6.05 24.84
C PHE D 433 -16.99 5.48 24.40
N SER D 434 -18.05 5.79 25.14
CA SER D 434 -19.37 5.32 24.77
C SER D 434 -19.74 5.86 23.41
N LEU D 435 -19.48 7.14 23.21
CA LEU D 435 -19.79 7.81 21.97
C LEU D 435 -19.12 7.13 20.79
N ALA D 436 -17.82 6.91 20.91
CA ALA D 436 -17.05 6.27 19.86
C ALA D 436 -17.56 4.87 19.60
N MET D 437 -17.89 4.14 20.66
CA MET D 437 -18.41 2.80 20.56
C MET D 437 -19.65 2.80 19.72
N GLY D 438 -20.53 3.76 19.94
CA GLY D 438 -21.76 3.83 19.20
C GLY D 438 -21.54 4.02 17.72
N TRP D 439 -20.61 4.91 17.39
CA TRP D 439 -20.34 5.17 16.00
C TRP D 439 -19.75 3.96 15.33
N THR D 440 -18.99 3.19 16.09
CA THR D 440 -18.49 1.93 15.57
C THR D 440 -19.65 0.97 15.39
N ASN D 441 -20.54 0.93 16.37
CA ASN D 441 -21.67 0.03 16.38
C ASN D 441 -22.68 0.33 15.30
N MET D 442 -22.59 1.51 14.68
CA MET D 442 -23.41 1.82 13.52
C MET D 442 -23.31 0.73 12.46
N LEU D 443 -22.15 0.10 12.35
CA LEU D 443 -21.89 -0.90 11.35
C LEU D 443 -22.73 -2.14 11.53
N TYR D 444 -23.26 -2.31 12.72
CA TYR D 444 -24.15 -3.41 13.01
C TYR D 444 -25.26 -3.49 11.99
N TYR D 445 -25.78 -2.35 11.59
CA TYR D 445 -26.96 -2.31 10.76
C TYR D 445 -26.67 -2.50 9.29
N THR D 446 -25.39 -2.69 8.94
CA THR D 446 -25.03 -2.95 7.57
C THR D 446 -25.49 -4.33 7.17
N ARG D 447 -25.80 -5.16 8.17
CA ARG D 447 -26.29 -6.51 7.98
C ARG D 447 -27.59 -6.57 7.19
N GLY D 448 -28.27 -5.44 7.03
CA GLY D 448 -29.50 -5.42 6.27
C GLY D 448 -29.25 -5.30 4.76
N PHE D 449 -27.99 -5.21 4.34
CA PHE D 449 -27.69 -5.04 2.93
C PHE D 449 -26.71 -6.09 2.46
N GLN D 450 -27.08 -6.78 1.38
CA GLN D 450 -26.23 -7.83 0.83
C GLN D 450 -25.08 -7.26 0.06
N GLN D 451 -24.15 -6.66 0.79
CA GLN D 451 -22.96 -6.03 0.23
C GLN D 451 -22.28 -5.22 1.29
N MET D 452 -23.07 -4.47 2.05
CA MET D 452 -22.52 -3.66 3.11
C MET D 452 -22.27 -4.55 4.28
N GLY D 453 -23.22 -5.42 4.57
CA GLY D 453 -23.08 -6.34 5.65
C GLY D 453 -21.99 -7.33 5.32
N ILE D 454 -21.93 -7.74 4.06
CA ILE D 454 -20.90 -8.65 3.63
C ILE D 454 -19.55 -8.02 3.83
N TYR D 455 -19.44 -6.76 3.45
CA TYR D 455 -18.24 -6.01 3.65
C TYR D 455 -17.86 -5.96 5.10
N ALA D 456 -18.84 -5.73 5.97
CA ALA D 456 -18.61 -5.71 7.40
C ALA D 456 -18.08 -7.05 7.88
N VAL D 457 -18.62 -8.14 7.33
CA VAL D 457 -18.14 -9.46 7.68
C VAL D 457 -16.69 -9.61 7.29
N MET D 458 -16.34 -9.11 6.11
CA MET D 458 -14.97 -9.18 5.68
C MET D 458 -14.09 -8.46 6.68
N ILE D 459 -14.57 -7.31 7.14
CA ILE D 459 -13.84 -6.52 8.08
C ILE D 459 -13.59 -7.25 9.38
N GLU D 460 -14.65 -7.74 10.00
CA GLU D 460 -14.51 -8.36 11.31
C GLU D 460 -13.62 -9.58 11.27
N LYS D 461 -13.59 -10.27 10.15
CA LYS D 461 -12.80 -11.47 10.07
C LYS D 461 -11.36 -11.15 9.92
N MET D 462 -11.08 -10.12 9.14
CA MET D 462 -9.72 -9.72 8.92
C MET D 462 -9.13 -9.16 10.20
N ILE D 463 -9.96 -8.49 10.99
CA ILE D 463 -9.56 -8.01 12.30
C ILE D 463 -9.20 -9.15 13.22
N LEU D 464 -10.12 -10.07 13.36
CA LEU D 464 -9.96 -11.19 14.25
C LEU D 464 -8.83 -12.09 13.84
N ARG D 465 -8.48 -12.06 12.56
CA ARG D 465 -7.42 -12.86 12.06
C ARG D 465 -6.14 -12.05 11.85
N ASP D 466 -6.03 -11.45 10.68
CA ASP D 466 -4.82 -10.80 10.25
C ASP D 466 -4.38 -9.64 11.10
N LEU D 467 -5.31 -8.80 11.50
CA LEU D 467 -4.94 -7.60 12.22
C LEU D 467 -4.31 -7.92 13.53
N CYS D 468 -4.97 -8.74 14.33
CA CYS D 468 -4.42 -9.08 15.63
C CYS D 468 -3.16 -9.91 15.49
N ARG D 469 -3.07 -10.69 14.41
CA ARG D 469 -1.88 -11.46 14.11
C ARG D 469 -0.72 -10.54 13.90
N PHE D 470 -0.96 -9.53 13.11
CA PHE D 470 0.02 -8.51 12.83
C PHE D 470 0.45 -7.80 14.08
N MET D 471 -0.52 -7.31 14.85
CA MET D 471 -0.24 -6.52 16.03
C MET D 471 0.60 -7.27 17.02
N PHE D 472 0.33 -8.56 17.13
CA PHE D 472 1.10 -9.38 18.03
C PHE D 472 2.60 -9.23 17.82
N VAL D 473 3.02 -9.09 16.56
CA VAL D 473 4.42 -8.98 16.24
C VAL D 473 4.85 -7.55 16.16
N TYR D 474 3.99 -6.72 15.61
CA TYR D 474 4.24 -5.31 15.48
C TYR D 474 4.67 -4.72 16.78
N LEU D 475 3.92 -5.03 17.81
CA LEU D 475 4.16 -4.50 19.13
C LEU D 475 5.46 -4.99 19.70
N VAL D 476 5.85 -6.22 19.35
CA VAL D 476 7.11 -6.76 19.81
C VAL D 476 8.24 -5.92 19.33
N PHE D 477 8.21 -5.57 18.06
CA PHE D 477 9.27 -4.77 17.50
C PHE D 477 9.19 -3.36 17.96
N LEU D 478 7.98 -2.84 18.07
CA LEU D 478 7.79 -1.49 18.54
C LEU D 478 8.42 -1.34 19.88
N PHE D 479 8.06 -2.22 20.78
CA PHE D 479 8.55 -2.17 22.12
C PHE D 479 10.03 -2.40 22.17
N GLY D 480 10.49 -3.45 21.51
CA GLY D 480 11.88 -3.79 21.56
C GLY D 480 12.77 -2.65 21.12
N PHE D 481 12.46 -2.09 19.97
CA PHE D 481 13.25 -1.01 19.45
C PHE D 481 13.14 0.23 20.30
N SER D 482 11.98 0.47 20.90
CA SER D 482 11.83 1.66 21.70
C SER D 482 12.71 1.62 22.90
N THR D 483 12.90 0.45 23.47
CA THR D 483 13.75 0.32 24.64
C THR D 483 15.19 0.43 24.24
N ALA D 484 15.50 -0.05 23.05
CA ALA D 484 16.84 0.04 22.52
C ALA D 484 17.23 1.50 22.38
N VAL D 485 16.35 2.26 21.77
CA VAL D 485 16.60 3.66 21.55
C VAL D 485 16.68 4.43 22.85
N VAL D 486 15.73 4.19 23.75
CA VAL D 486 15.74 4.86 25.04
C VAL D 486 17.02 4.66 25.76
N THR D 487 17.54 3.45 25.70
CA THR D 487 18.80 3.16 26.34
C THR D 487 19.87 4.12 25.88
N LEU D 488 19.91 4.37 24.57
CA LEU D 488 20.88 5.30 24.02
C LEU D 488 20.60 6.74 24.44
N ILE D 489 19.32 7.07 24.57
CA ILE D 489 18.91 8.42 24.87
C ILE D 489 19.32 8.90 26.25
N GLU D 490 19.89 10.10 26.29
CA GLU D 490 20.31 10.72 27.53
C GLU D 490 19.14 11.45 28.20
N ASP D 491 18.36 12.17 27.40
CA ASP D 491 17.19 12.89 27.89
C ASP D 491 16.31 13.38 26.73
N GLY D 492 16.26 14.71 26.52
CA GLY D 492 15.50 15.30 25.43
C GLY D 492 14.00 15.05 25.52
N LYS D 493 13.53 14.61 26.69
CA LYS D 493 12.12 14.23 26.88
C LYS D 493 11.78 12.96 26.10
N TYR D 494 12.81 12.25 25.64
CA TYR D 494 12.61 11.02 24.90
C TYR D 494 13.09 9.86 25.73
N ASN D 495 13.92 10.14 26.72
CA ASN D 495 14.33 9.13 27.68
C ASN D 495 13.11 8.42 28.30
N SER D 496 12.00 9.14 28.37
CA SER D 496 10.74 8.56 28.77
C SER D 496 10.26 7.63 27.69
N LEU D 497 10.28 6.33 27.98
CA LEU D 497 9.89 5.29 27.05
C LEU D 497 8.62 5.62 26.31
N TYR D 498 7.65 6.14 27.03
CA TYR D 498 6.37 6.50 26.48
C TYR D 498 6.51 7.35 25.22
N SER D 499 7.34 8.38 25.29
CA SER D 499 7.45 9.28 24.17
C SER D 499 8.26 8.68 23.05
N THR D 500 9.27 7.90 23.40
CA THR D 500 10.09 7.26 22.38
C THR D 500 9.30 6.28 21.57
N CYS D 501 8.48 5.48 22.22
CA CYS D 501 7.72 4.49 21.49
C CYS D 501 6.73 5.16 20.57
N LEU D 502 6.27 6.35 20.95
CA LEU D 502 5.41 7.11 20.06
C LEU D 502 6.18 7.59 18.87
N GLU D 503 7.43 7.96 19.08
CA GLU D 503 8.26 8.42 17.98
C GLU D 503 8.48 7.32 16.98
N LEU D 504 8.61 6.10 17.46
CA LEU D 504 8.75 4.98 16.56
C LEU D 504 7.45 4.69 15.88
N PHE D 505 6.36 4.77 16.62
CA PHE D 505 5.04 4.55 16.08
C PHE D 505 4.79 5.45 14.88
N LYS D 506 5.25 6.70 14.99
CA LYS D 506 5.10 7.69 13.96
C LYS D 506 5.66 7.24 12.60
N PHE D 507 6.67 6.38 12.60
CA PHE D 507 7.24 5.93 11.35
C PHE D 507 6.27 5.10 10.58
N THR D 508 5.35 4.44 11.26
CA THR D 508 4.45 3.56 10.60
C THR D 508 3.22 4.27 10.14
N ILE D 509 2.92 5.42 10.76
CA ILE D 509 1.82 6.23 10.25
C ILE D 509 2.30 7.11 9.11
N GLY D 510 3.62 7.30 9.03
CA GLY D 510 4.19 8.04 7.92
C GLY D 510 4.81 9.37 8.34
N MET D 511 4.90 9.62 9.63
CA MET D 511 5.49 10.85 10.11
C MET D 511 6.58 10.63 11.11
N GLY D 512 7.41 9.63 10.87
CA GLY D 512 8.50 9.36 11.78
C GLY D 512 9.74 10.15 11.41
N ASP D 513 10.29 10.85 12.38
CA ASP D 513 11.46 11.69 12.16
C ASP D 513 12.74 10.98 12.55
N LEU D 514 13.58 10.71 11.57
CA LEU D 514 14.86 10.05 11.80
C LEU D 514 15.79 10.84 12.72
N GLU D 515 15.57 12.13 12.80
CA GLU D 515 16.42 13.00 13.58
C GLU D 515 15.69 13.58 14.76
N PHE D 516 14.69 12.86 15.28
CA PHE D 516 13.88 13.37 16.37
C PHE D 516 14.68 13.78 17.62
N THR D 517 15.89 13.25 17.79
CA THR D 517 16.72 13.65 18.92
C THR D 517 18.20 13.51 18.63
N GLU D 518 19.01 14.18 19.47
CA GLU D 518 20.45 14.14 19.38
C GLU D 518 21.08 13.74 20.71
N ASN D 519 20.24 13.37 21.67
CA ASN D 519 20.72 13.06 23.02
C ASN D 519 21.35 11.67 23.11
N TYR D 520 22.54 11.55 22.55
CA TYR D 520 23.26 10.27 22.56
C TYR D 520 24.67 10.46 22.05
N ASP D 521 25.53 9.52 22.39
CA ASP D 521 26.90 9.55 21.95
C ASP D 521 27.14 8.60 20.79
N PHE D 522 26.07 7.94 20.33
CA PHE D 522 26.23 6.93 19.31
C PHE D 522 25.28 7.18 18.16
N LYS D 523 25.55 8.24 17.41
CA LYS D 523 24.74 8.65 16.29
C LYS D 523 24.54 7.54 15.29
N ALA D 524 25.63 6.91 14.89
CA ALA D 524 25.57 5.86 13.90
C ALA D 524 24.62 4.77 14.35
N VAL D 525 24.82 4.30 15.57
CA VAL D 525 24.01 3.24 16.13
C VAL D 525 22.57 3.64 16.20
N PHE D 526 22.32 4.85 16.65
CA PHE D 526 20.99 5.39 16.74
C PHE D 526 20.28 5.27 15.42
N ILE D 527 20.96 5.69 14.35
CA ILE D 527 20.39 5.64 13.04
C ILE D 527 20.18 4.22 12.58
N ILE D 528 21.14 3.36 12.86
CA ILE D 528 21.04 1.96 12.49
C ILE D 528 19.78 1.33 13.02
N LEU D 529 19.50 1.60 14.29
CA LEU D 529 18.34 1.04 14.92
C LEU D 529 17.09 1.52 14.26
N LEU D 530 17.05 2.80 13.93
CA LEU D 530 15.90 3.36 13.29
C LEU D 530 15.67 2.72 11.95
N LEU D 531 16.74 2.51 11.21
CA LEU D 531 16.65 1.94 9.89
C LEU D 531 16.12 0.54 9.95
N ALA D 532 16.59 -0.21 10.93
CA ALA D 532 16.14 -1.58 11.11
C ALA D 532 14.67 -1.58 11.40
N TYR D 533 14.25 -0.72 12.31
CA TYR D 533 12.85 -0.63 12.67
C TYR D 533 11.99 -0.31 11.46
N VAL D 534 12.40 0.67 10.69
CA VAL D 534 11.66 1.03 9.51
C VAL D 534 11.54 -0.11 8.55
N ILE D 535 12.67 -0.69 8.19
CA ILE D 535 12.68 -1.76 7.23
C ILE D 535 11.85 -2.93 7.65
N LEU D 536 12.01 -3.33 8.90
CA LEU D 536 11.32 -4.49 9.37
C LEU D 536 9.86 -4.23 9.59
N THR D 537 9.54 -3.08 10.14
CA THR D 537 8.18 -2.81 10.48
C THR D 537 7.47 -2.05 9.40
N TYR D 538 7.97 -0.86 9.10
CA TYR D 538 7.29 -0.01 8.15
C TYR D 538 7.23 -0.60 6.78
N ILE D 539 8.33 -1.11 6.30
CA ILE D 539 8.35 -1.65 4.97
C ILE D 539 7.81 -3.06 4.97
N LEU D 540 8.59 -3.97 5.51
CA LEU D 540 8.29 -5.37 5.46
C LEU D 540 6.94 -5.76 6.01
N LEU D 541 6.74 -5.57 7.31
CA LEU D 541 5.54 -6.08 7.94
C LEU D 541 4.26 -5.44 7.44
N LEU D 542 4.26 -4.13 7.26
CA LEU D 542 3.04 -3.49 6.80
C LEU D 542 2.64 -3.98 5.42
N GLN D 543 3.62 -4.15 4.56
CA GLN D 543 3.34 -4.62 3.23
C GLN D 543 2.92 -6.07 3.26
N MET D 544 3.55 -6.84 4.12
CA MET D 544 3.23 -8.23 4.29
C MET D 544 1.82 -8.37 4.70
N LEU D 545 1.41 -7.53 5.62
CA LEU D 545 0.06 -7.53 6.08
C LEU D 545 -0.89 -7.39 4.92
N ILE D 546 -0.63 -6.41 4.07
CA ILE D 546 -1.46 -6.20 2.90
C ILE D 546 -1.56 -7.47 2.07
N ALA D 547 -0.42 -8.10 1.83
CA ALA D 547 -0.35 -9.31 1.05
C ALA D 547 -1.24 -10.39 1.63
N LEU D 548 -1.11 -10.60 2.93
CA LEU D 548 -1.86 -11.63 3.60
C LEU D 548 -3.32 -11.32 3.58
N MET D 549 -3.66 -10.06 3.73
CA MET D 549 -5.03 -9.61 3.69
C MET D 549 -5.65 -9.97 2.37
N GLY D 550 -4.91 -9.76 1.28
CA GLY D 550 -5.38 -10.12 -0.05
C GLY D 550 -5.71 -11.60 -0.12
N GLU D 551 -4.87 -12.42 0.45
CA GLU D 551 -5.09 -13.84 0.44
C GLU D 551 -6.27 -14.22 1.29
N THR D 552 -6.42 -13.56 2.42
CA THR D 552 -7.54 -13.82 3.29
C THR D 552 -8.83 -13.53 2.57
N VAL D 553 -8.86 -12.44 1.81
CA VAL D 553 -10.01 -12.11 1.00
C VAL D 553 -10.35 -13.21 0.05
N ASN D 554 -9.33 -13.77 -0.59
CA ASN D 554 -9.51 -14.86 -1.51
C ASN D 554 -10.13 -16.05 -0.82
N LYS D 555 -9.62 -16.37 0.36
CA LYS D 555 -10.09 -17.50 1.12
C LYS D 555 -11.51 -17.36 1.59
N ILE D 556 -11.91 -16.14 1.92
CA ILE D 556 -13.24 -15.94 2.45
C ILE D 556 -14.24 -15.81 1.31
N ALA D 557 -14.36 -14.61 0.77
CA ALA D 557 -15.29 -14.34 -0.33
C ALA D 557 -16.69 -14.93 -0.04
N GLN D 558 -16.92 -16.14 -0.51
CA GLN D 558 -18.21 -16.81 -0.36
C GLN D 558 -18.58 -17.00 1.08
N GLU D 559 -17.59 -17.23 1.91
CA GLU D 559 -17.84 -17.48 3.30
C GLU D 559 -18.44 -16.28 3.97
N SER D 560 -18.01 -15.09 3.57
CA SER D 560 -18.57 -13.88 4.16
C SER D 560 -20.01 -13.75 3.79
N LYS D 561 -20.33 -14.16 2.57
CA LYS D 561 -21.70 -14.13 2.11
C LYS D 561 -22.55 -15.09 2.91
N ASN D 562 -22.00 -16.28 3.16
CA ASN D 562 -22.68 -17.28 3.95
C ASN D 562 -22.99 -16.73 5.32
N ILE D 563 -21.98 -16.13 5.93
CA ILE D 563 -22.10 -15.56 7.23
C ILE D 563 -23.12 -14.48 7.24
N TRP D 564 -23.08 -13.60 6.26
CA TRP D 564 -24.01 -12.52 6.16
C TRP D 564 -25.43 -13.01 6.18
N LYS D 565 -25.69 -14.08 5.43
CA LYS D 565 -27.03 -14.62 5.39
C LYS D 565 -27.46 -15.08 6.75
N LEU D 566 -26.56 -15.72 7.47
CA LEU D 566 -26.82 -16.13 8.83
C LEU D 566 -27.11 -14.95 9.70
N GLN D 567 -26.26 -13.94 9.60
CA GLN D 567 -26.39 -12.75 10.40
C GLN D 567 -27.78 -12.17 10.23
N ARG D 568 -28.25 -12.11 8.99
CA ARG D 568 -29.55 -11.58 8.70
C ARG D 568 -30.63 -12.46 9.28
N ALA D 569 -30.47 -13.77 9.10
CA ALA D 569 -31.44 -14.74 9.58
C ALA D 569 -31.65 -14.58 11.07
N ILE D 570 -30.57 -14.41 11.79
CA ILE D 570 -30.64 -14.22 13.22
C ILE D 570 -31.46 -13.02 13.55
N THR D 571 -31.19 -11.93 12.84
CA THR D 571 -31.94 -10.71 13.02
C THR D 571 -33.42 -10.94 12.78
N ILE D 572 -33.73 -11.69 11.74
CA ILE D 572 -35.10 -12.01 11.40
C ILE D 572 -35.81 -12.72 12.52
N LEU D 573 -35.15 -13.72 13.09
CA LEU D 573 -35.74 -14.50 14.16
C LEU D 573 -35.99 -13.65 15.36
N ASP D 574 -35.03 -12.82 15.70
CA ASP D 574 -35.15 -11.97 16.85
C ASP D 574 -36.23 -10.95 16.63
N THR D 575 -36.38 -10.50 15.39
CA THR D 575 -37.40 -9.55 15.04
C THR D 575 -38.75 -10.10 15.37
N GLU D 576 -39.04 -11.30 14.90
CA GLU D 576 -40.33 -11.91 15.13
C GLU D 576 -40.55 -12.20 16.59
N LYS D 577 -39.51 -12.70 17.24
CA LYS D 577 -39.57 -13.08 18.63
C LYS D 577 -39.87 -11.89 19.52
N SER D 578 -39.22 -10.77 19.24
CA SER D 578 -39.40 -9.59 20.04
C SER D 578 -40.62 -8.78 19.63
N PHE D 579 -40.95 -8.80 18.33
CA PHE D 579 -42.05 -7.99 17.82
C PHE D 579 -43.42 -8.58 18.06
N LEU D 580 -43.84 -8.58 19.33
CA LEU D 580 -45.20 -8.92 19.71
C LEU D 580 -45.69 -10.29 19.25
N LYS D 581 -44.78 -11.16 18.80
CA LYS D 581 -45.16 -12.45 18.23
C LYS D 581 -46.21 -12.25 17.12
N CYS D 582 -46.03 -11.19 16.32
CA CYS D 582 -46.96 -10.83 15.26
C CYS D 582 -47.26 -12.00 14.33
N MET D 583 -48.55 -12.15 14.00
CA MET D 583 -49.03 -13.21 13.14
C MET D 583 -48.35 -13.24 11.79
N ARG D 584 -48.06 -14.44 11.31
CA ARG D 584 -47.38 -14.62 10.06
C ARG D 584 -47.68 -15.98 9.48
N LYS D 585 -47.09 -16.25 8.32
CA LYS D 585 -47.18 -17.56 7.69
C LYS D 585 -46.28 -18.53 8.43
#